data_3FDS
#
_entry.id   3FDS
#
_cell.length_a   65.986
_cell.length_b   86.414
_cell.length_c   97.582
_cell.angle_alpha   90.000
_cell.angle_beta   107.300
_cell.angle_gamma   90.000
#
_symmetry.space_group_name_H-M   'P 1 21 1'
#
loop_
_entity.id
_entity.type
_entity.pdbx_description
1 polymer 'DNA polymerase IV'
2 polymer 'DNA polymerase sliding clamp B'
3 polymer 'DNA polymerase sliding clamp C'
4 non-polymer 1,2-ETHANEDIOL
5 non-polymer DI(HYDROXYETHYL)ETHER
6 non-polymer 'PENTAETHYLENE GLYCOL'
7 non-polymer GLYCEROL
8 non-polymer 'TRIETHYLENE GLYCOL'
9 water water
#
loop_
_entity_poly.entity_id
_entity_poly.type
_entity_poly.pdbx_seq_one_letter_code
_entity_poly.pdbx_strand_id
1 'polypeptide(L)'
;MIVLFVDFDYFYAQVEEVLNPSLKGKPVVVCVFSGRFEDSGAVATANYEARKFGVKAGIPIVEAKKILPNAVYLPMRKEV
YQQVSSRIMNLLREYSEKIEIASIDEAYLDISDKVRDYREAYNLGLEIKNKILEKEKITVTVGISKNKVFAKIAADMAKP
NGIKVIDDEEVKRLIRELDIADVPGIGNITAEKLKKLGINKLVDTLSIEFDKLKGMIGEAKAKYLISLARDEYNEPIRTR
VRKSIGRIVTMKRNSRNLEEIKPYLFRAIEESYYKLDKRIPKAIHVVAVTEDLDIVSRGRTFPHGISKETAYSESVKLLQ
KILEEDERKIRRIGVRFSKFIEAIGLDKFFDT
;
A
2 'polypeptide(L)'
;MVKIVYPNAKDFFSFINSITNVTDSIILNFTEDGIFSRHLTEDKVLMAIMRIPKDVLSEYSIDSPTSVKLDVSSVKKILS
KASSKKATIELTETDSGLKIIIRDEKSGAKSTIYIKAEKGQVEQLTEPKVNLAVNFTTDESVLNVIAADVTLVGEEMRIS
TEEDKIKIEAGEEGKRYVAFLMKDKPLKELSIDTSASSSYSAEMFKDAVKGLRGFSAPTMVSFGENLPMKIDVEAVSGGH
MIFWIAPRL
;
C
3 'polypeptide(L)'
;MMKAKVIDAVSFSYILRTVGDFLSEANFIVTKEGIRVSGIDPSRVVFLDIFLPSSYFEGFEVSQEKEIIGFKLEDVNDIL
KRVLKDDTLILSSNESKLTLTFDGEFTRSFELPLIQVESTQPPSVNLEFPFKAQLLTITFADIIDELSDLGEVLNIHSKE
NKLYFEVIGDLSTAKVELSTDNGTLLEASGADVSSSYGMEYVANTTKMRRASDSMELYFGSQIPLKLRFKLPQEGYGDFY
IAPRA
;
D
#
# COMPACT_ATOMS: atom_id res chain seq x y z
N MET A 1 24.59 23.52 -22.07
CA MET A 1 24.03 22.23 -22.50
C MET A 1 23.20 22.41 -23.76
N ILE A 2 23.19 21.42 -24.64
CA ILE A 2 22.30 21.41 -25.82
C ILE A 2 21.37 20.18 -25.79
N VAL A 3 20.09 20.43 -25.70
CA VAL A 3 19.11 19.38 -25.66
C VAL A 3 18.42 19.37 -27.04
N LEU A 4 18.28 18.18 -27.60
CA LEU A 4 17.57 17.99 -28.85
C LEU A 4 16.39 17.10 -28.50
N PHE A 5 15.19 17.66 -28.66
CA PHE A 5 13.95 17.02 -28.31
C PHE A 5 13.28 16.55 -29.59
N VAL A 6 12.79 15.31 -29.56
CA VAL A 6 12.08 14.74 -30.73
C VAL A 6 10.67 14.40 -30.29
N ASP A 7 9.71 14.90 -31.05
CA ASP A 7 8.31 14.69 -30.77
C ASP A 7 7.72 14.05 -32.05
N PHE A 8 7.24 12.80 -31.98
CA PHE A 8 6.71 12.18 -33.23
C PHE A 8 5.37 12.82 -33.57
N ASP A 9 5.12 13.15 -34.84
CA ASP A 9 3.92 13.94 -35.13
C ASP A 9 2.65 13.08 -35.12
N TYR A 10 1.61 13.54 -34.43
CA TYR A 10 0.25 12.88 -34.37
C TYR A 10 0.39 11.33 -34.40
N PHE A 11 1.21 10.84 -33.49
CA PHE A 11 1.85 9.55 -33.70
C PHE A 11 0.96 8.37 -34.07
N TYR A 12 -0.04 8.03 -33.24
CA TYR A 12 -0.87 6.84 -33.49
C TYR A 12 -1.53 6.91 -34.86
N ALA A 13 -2.06 8.10 -35.15
CA ALA A 13 -2.74 8.30 -36.43
C ALA A 13 -1.75 8.30 -37.60
N GLN A 14 -0.54 8.81 -37.38
CA GLN A 14 0.47 8.77 -38.43
C GLN A 14 0.85 7.32 -38.77
N VAL A 15 1.02 6.49 -37.77
CA VAL A 15 1.26 5.03 -37.96
C VAL A 15 0.15 4.36 -38.79
N GLU A 16 -1.11 4.68 -38.48
CA GLU A 16 -2.20 4.17 -39.31
C GLU A 16 -2.10 4.60 -40.78
N GLU A 17 -1.71 5.85 -41.03
CA GLU A 17 -1.42 6.30 -42.41
C GLU A 17 -0.27 5.56 -43.14
N VAL A 18 0.79 5.24 -42.41
CA VAL A 18 1.91 4.43 -42.94
C VAL A 18 1.40 3.07 -43.33
N LEU A 19 0.60 2.45 -42.45
CA LEU A 19 0.02 1.14 -42.69
C LEU A 19 -1.00 1.12 -43.84
N ASN A 20 -1.71 2.23 -44.03
CA ASN A 20 -2.70 2.35 -45.10
C ASN A 20 -2.57 3.74 -45.74
N PRO A 21 -1.62 3.88 -46.69
CA PRO A 21 -1.37 5.22 -47.20
C PRO A 21 -2.56 5.85 -47.92
N SER A 22 -3.57 5.07 -48.25
CA SER A 22 -4.79 5.62 -48.83
C SER A 22 -5.59 6.46 -47.82
N LEU A 23 -5.13 6.51 -46.58
CA LEU A 23 -5.74 7.36 -45.55
C LEU A 23 -5.20 8.78 -45.54
N LYS A 24 -3.97 8.96 -46.05
CA LYS A 24 -3.25 10.24 -45.93
C LYS A 24 -4.09 11.37 -46.54
N GLY A 25 -4.14 12.51 -45.85
CA GLY A 25 -4.87 13.67 -46.37
C GLY A 25 -6.35 13.71 -46.06
N LYS A 26 -6.87 12.63 -45.46
CA LYS A 26 -8.28 12.56 -44.97
C LYS A 26 -8.18 12.59 -43.46
N PRO A 27 -9.28 12.97 -42.78
CA PRO A 27 -9.31 12.88 -41.33
C PRO A 27 -9.23 11.44 -40.86
N VAL A 28 -8.28 11.19 -39.94
CA VAL A 28 -8.08 9.90 -39.33
C VAL A 28 -8.15 10.07 -37.80
N VAL A 29 -8.94 9.23 -37.15
CA VAL A 29 -9.18 9.36 -35.74
C VAL A 29 -9.00 8.01 -35.05
N VAL A 30 -7.97 7.95 -34.23
CA VAL A 30 -7.65 6.77 -33.47
C VAL A 30 -8.28 6.92 -32.08
N CYS A 31 -9.10 5.94 -31.70
CA CYS A 31 -9.92 6.01 -30.51
C CYS A 31 -9.65 4.85 -29.55
N VAL A 32 -9.83 5.13 -28.26
CA VAL A 32 -9.87 4.09 -27.23
C VAL A 32 -11.33 3.75 -26.93
N PHE A 33 -11.82 2.67 -27.52
CA PHE A 33 -13.17 2.19 -27.30
C PHE A 33 -13.26 1.49 -25.93
N SER A 34 -13.89 2.13 -24.94
CA SER A 34 -14.10 1.47 -23.64
CA SER A 34 -14.10 1.46 -23.65
C SER A 34 -15.24 0.43 -23.72
N GLY A 35 -16.10 0.24 -22.74
CA GLY A 35 -16.61 1.07 -21.66
C GLY A 35 -17.94 0.36 -21.80
N ARG A 36 -19.05 0.96 -21.36
CA ARG A 36 -20.26 0.18 -21.20
C ARG A 36 -21.21 0.12 -22.42
N PHE A 37 -21.00 0.97 -23.44
CA PHE A 37 -22.04 1.14 -24.49
C PHE A 37 -21.50 1.32 -25.91
N GLU A 38 -22.39 1.53 -26.89
CA GLU A 38 -21.88 1.78 -28.26
C GLU A 38 -21.09 3.08 -28.32
N ASP A 39 -19.90 3.01 -28.92
CA ASP A 39 -19.03 4.18 -29.06
C ASP A 39 -18.61 4.82 -27.73
N SER A 40 -18.69 4.08 -26.62
CA SER A 40 -18.08 4.55 -25.36
C SER A 40 -16.57 4.66 -25.60
N GLY A 41 -15.99 5.77 -25.13
CA GLY A 41 -14.56 5.98 -25.13
C GLY A 41 -14.20 7.39 -25.55
N ALA A 42 -12.91 7.61 -25.75
CA ALA A 42 -12.32 8.91 -26.05
C ALA A 42 -11.37 8.78 -27.22
N VAL A 43 -11.21 9.86 -27.99
CA VAL A 43 -10.23 9.94 -29.06
C VAL A 43 -8.86 9.83 -28.35
N ALA A 44 -7.99 8.97 -28.88
CA ALA A 44 -6.58 8.89 -28.47
C ALA A 44 -5.82 9.91 -29.28
N THR A 45 -5.87 9.82 -30.61
CA THR A 45 -5.18 10.84 -31.45
C THR A 45 -5.81 11.02 -32.81
N ALA A 46 -5.80 12.25 -33.28
CA ALA A 46 -6.36 12.62 -34.54
C ALA A 46 -5.27 13.22 -35.44
N ASN A 47 -5.32 12.97 -36.74
CA ASN A 47 -4.37 13.65 -37.64
C ASN A 47 -4.75 15.10 -37.82
N TYR A 48 -3.89 15.86 -38.45
CA TYR A 48 -4.17 17.29 -38.55
C TYR A 48 -5.40 17.63 -39.34
N GLU A 49 -5.73 16.80 -40.33
CA GLU A 49 -6.98 17.01 -41.08
C GLU A 49 -8.19 16.93 -40.15
N ALA A 50 -8.13 16.04 -39.14
CA ALA A 50 -9.23 15.87 -38.19
C ALA A 50 -9.22 17.00 -37.18
N ARG A 51 -8.01 17.39 -36.78
CA ARG A 51 -7.81 18.41 -35.76
C ARG A 51 -8.35 19.77 -36.20
N LYS A 52 -8.31 20.03 -37.50
CA LYS A 52 -8.85 21.26 -38.13
C LYS A 52 -10.28 21.55 -37.67
N PHE A 53 -11.04 20.47 -37.50
CA PHE A 53 -12.46 20.50 -37.19
C PHE A 53 -12.71 20.31 -35.71
N GLY A 54 -11.60 20.32 -34.94
CA GLY A 54 -11.68 20.34 -33.49
C GLY A 54 -11.77 18.96 -32.88
N VAL A 55 -11.57 17.92 -33.70
CA VAL A 55 -11.51 16.55 -33.20
C VAL A 55 -10.09 16.30 -32.72
N LYS A 56 -9.96 15.87 -31.47
CA LYS A 56 -8.67 15.77 -30.86
C LYS A 56 -8.71 14.84 -29.66
N ALA A 57 -7.52 14.53 -29.15
CA ALA A 57 -7.32 13.64 -28.03
C ALA A 57 -8.21 13.98 -26.85
N GLY A 58 -8.86 12.97 -26.28
CA GLY A 58 -9.64 13.18 -25.06
C GLY A 58 -11.11 13.51 -25.23
N ILE A 59 -11.51 13.98 -26.41
CA ILE A 59 -12.92 14.19 -26.62
C ILE A 59 -13.61 12.82 -26.75
N PRO A 60 -14.88 12.70 -26.28
CA PRO A 60 -15.57 11.41 -26.46
C PRO A 60 -15.72 11.06 -27.94
N ILE A 61 -15.65 9.77 -28.24
CA ILE A 61 -15.83 9.27 -29.62
C ILE A 61 -17.17 9.76 -30.22
N VAL A 62 -18.24 9.75 -29.42
CA VAL A 62 -19.56 10.21 -29.87
C VAL A 62 -19.56 11.67 -30.32
N GLU A 63 -18.92 12.55 -29.53
CA GLU A 63 -18.72 13.99 -29.88
CA GLU A 63 -18.75 13.95 -29.90
C GLU A 63 -17.88 14.15 -31.15
N ALA A 64 -16.84 13.32 -31.31
CA ALA A 64 -16.00 13.35 -32.51
C ALA A 64 -16.81 12.97 -33.74
N LYS A 65 -17.59 11.90 -33.59
CA LYS A 65 -18.44 11.38 -34.66
C LYS A 65 -19.54 12.34 -35.10
N LYS A 66 -20.08 13.12 -34.17
CA LYS A 66 -21.06 14.15 -34.54
C LYS A 66 -20.43 15.21 -35.43
N ILE A 67 -19.24 15.69 -35.03
CA ILE A 67 -18.48 16.71 -35.78
C ILE A 67 -18.03 16.14 -37.14
N LEU A 68 -17.31 15.01 -37.14
CA LEU A 68 -16.82 14.42 -38.38
C LEU A 68 -17.42 13.04 -38.67
N PRO A 69 -18.70 12.99 -39.13
CA PRO A 69 -19.33 11.65 -39.29
C PRO A 69 -18.56 10.74 -40.29
N ASN A 70 -17.90 11.34 -41.30
CA ASN A 70 -17.30 10.53 -42.37
C ASN A 70 -15.79 10.31 -42.25
N ALA A 71 -15.22 10.80 -41.15
CA ALA A 71 -13.81 10.56 -40.89
C ALA A 71 -13.56 9.06 -40.69
N VAL A 72 -12.29 8.65 -40.77
CA VAL A 72 -11.92 7.26 -40.57
C VAL A 72 -11.62 7.09 -39.08
N TYR A 73 -12.43 6.27 -38.38
CA TYR A 73 -12.25 5.99 -36.96
C TYR A 73 -11.62 4.64 -36.85
N LEU A 74 -10.51 4.55 -36.10
CA LEU A 74 -9.78 3.31 -35.93
C LEU A 74 -9.60 3.02 -34.45
N PRO A 75 -9.68 1.73 -34.05
CA PRO A 75 -9.36 1.40 -32.70
C PRO A 75 -7.83 1.52 -32.44
N MET A 76 -7.50 1.75 -31.18
CA MET A 76 -6.15 1.87 -30.78
C MET A 76 -5.41 0.53 -30.95
N ARG A 77 -4.34 0.50 -31.71
CA ARG A 77 -3.57 -0.73 -31.75
C ARG A 77 -2.18 -0.55 -31.19
N LYS A 78 -2.16 -0.61 -29.87
CA LYS A 78 -1.03 -0.11 -29.10
C LYS A 78 0.26 -0.86 -29.45
N GLU A 79 0.15 -2.17 -29.70
CA GLU A 79 1.25 -3.09 -30.00
C GLU A 79 2.00 -2.58 -31.18
N VAL A 80 1.24 -2.20 -32.20
CA VAL A 80 1.83 -1.65 -33.43
C VAL A 80 2.55 -0.30 -33.18
N TYR A 81 1.88 0.62 -32.47
CA TYR A 81 2.52 1.92 -32.20
C TYR A 81 3.79 1.69 -31.35
N GLN A 82 3.73 0.70 -30.46
CA GLN A 82 4.82 0.46 -29.53
C GLN A 82 6.04 -0.09 -30.27
N GLN A 83 5.80 -1.03 -31.20
CA GLN A 83 6.85 -1.62 -32.04
CA GLN A 83 6.87 -1.61 -31.98
C GLN A 83 7.54 -0.52 -32.86
N VAL A 84 6.74 0.34 -33.50
CA VAL A 84 7.30 1.47 -34.27
C VAL A 84 8.10 2.42 -33.36
N SER A 85 7.52 2.80 -32.21
CA SER A 85 8.22 3.69 -31.29
C SER A 85 9.54 3.11 -30.77
N SER A 86 9.54 1.86 -30.33
CA SER A 86 10.79 1.19 -29.90
C SER A 86 11.86 1.22 -30.97
N ARG A 87 11.47 1.02 -32.22
CA ARG A 87 12.48 1.08 -33.30
C ARG A 87 13.06 2.49 -33.42
N ILE A 88 12.22 3.50 -33.29
CA ILE A 88 12.68 4.86 -33.47
C ILE A 88 13.57 5.29 -32.31
N MET A 89 13.14 4.94 -31.09
CA MET A 89 13.96 5.20 -29.91
C MET A 89 15.35 4.59 -30.06
N ASN A 90 15.39 3.37 -30.61
CA ASN A 90 16.64 2.69 -30.92
C ASN A 90 17.50 3.42 -31.92
N LEU A 91 16.92 3.90 -33.00
CA LEU A 91 17.62 4.84 -33.89
C LEU A 91 18.18 6.09 -33.21
N LEU A 92 17.39 6.70 -32.32
CA LEU A 92 17.79 7.93 -31.62
C LEU A 92 18.97 7.64 -30.66
N ARG A 93 19.01 6.43 -30.09
CA ARG A 93 20.10 6.03 -29.19
C ARG A 93 21.44 6.02 -29.91
N GLU A 94 21.40 5.84 -31.22
CA GLU A 94 22.59 5.86 -32.05
C GLU A 94 23.12 7.25 -32.27
N TYR A 95 22.29 8.28 -32.00
CA TYR A 95 22.79 9.64 -32.03
C TYR A 95 23.31 10.12 -30.67
N SER A 96 22.79 9.57 -29.59
CA SER A 96 23.19 9.94 -28.26
C SER A 96 22.65 8.92 -27.27
N GLU A 97 23.47 8.55 -26.29
CA GLU A 97 23.12 7.47 -25.41
C GLU A 97 22.25 7.54 -24.13
N LYS A 98 22.19 8.54 -23.24
CA LYS A 98 22.16 10.01 -23.35
C LYS A 98 20.83 10.59 -23.77
N ILE A 99 19.82 9.75 -23.55
CA ILE A 99 18.50 9.95 -24.07
C ILE A 99 17.53 9.56 -22.97
N GLU A 100 16.56 10.44 -22.75
CA GLU A 100 15.45 10.23 -21.83
C GLU A 100 14.22 10.05 -22.69
N ILE A 101 13.65 8.85 -22.61
CA ILE A 101 12.47 8.49 -23.39
C ILE A 101 11.32 8.85 -22.47
N ALA A 102 10.64 9.94 -22.81
CA ALA A 102 9.70 10.55 -21.88
C ALA A 102 8.31 9.98 -22.04
N SER A 103 8.00 9.52 -23.25
CA SER A 103 6.77 8.79 -23.47
C SER A 103 6.93 8.08 -24.79
N ILE A 104 5.85 7.48 -25.28
CA ILE A 104 5.89 6.64 -26.48
C ILE A 104 6.31 7.49 -27.72
N ASP A 105 6.07 8.78 -27.66
CA ASP A 105 6.31 9.68 -28.80
C ASP A 105 7.20 10.88 -28.46
N GLU A 106 8.00 10.77 -27.41
CA GLU A 106 8.79 11.94 -26.98
C GLU A 106 10.10 11.50 -26.42
N ALA A 107 11.18 12.04 -26.97
CA ALA A 107 12.47 11.73 -26.37
C ALA A 107 13.35 12.95 -26.32
N TYR A 108 14.08 13.06 -25.21
CA TYR A 108 15.11 14.10 -25.04
C TYR A 108 16.51 13.57 -25.16
N LEU A 109 17.28 14.11 -26.12
CA LEU A 109 18.72 13.81 -26.29
C LEU A 109 19.60 14.95 -25.76
N ASP A 110 20.55 14.62 -24.90
CA ASP A 110 21.60 15.53 -24.54
C ASP A 110 22.70 15.35 -25.58
N ILE A 111 22.94 16.37 -26.40
CA ILE A 111 23.91 16.26 -27.50
C ILE A 111 25.04 17.23 -27.26
N SER A 112 25.17 17.64 -26.01
CA SER A 112 26.20 18.62 -25.61
C SER A 112 27.57 18.10 -26.01
N ASP A 113 27.75 16.78 -26.01
CA ASP A 113 29.03 16.17 -26.34
C ASP A 113 29.22 15.74 -27.81
N LYS A 114 28.22 16.03 -28.62
CA LYS A 114 28.12 15.61 -30.03
C LYS A 114 28.26 16.72 -31.06
N VAL A 115 27.88 17.94 -30.66
CA VAL A 115 27.84 19.08 -31.57
C VAL A 115 28.54 20.25 -30.87
N ARG A 116 29.00 21.22 -31.67
CA ARG A 116 29.74 22.42 -31.17
C ARG A 116 28.78 23.53 -30.68
N ASP A 117 27.68 23.68 -31.42
CA ASP A 117 26.85 24.88 -31.33
C ASP A 117 25.46 24.54 -31.92
N TYR A 118 24.55 25.52 -31.96
CA TYR A 118 23.20 25.28 -32.46
C TYR A 118 23.10 25.03 -33.96
N ARG A 119 24.03 25.58 -34.76
CA ARG A 119 24.00 25.36 -36.19
C ARG A 119 24.30 23.90 -36.50
N GLU A 120 25.29 23.34 -35.81
CA GLU A 120 25.55 21.91 -35.95
C GLU A 120 24.42 21.06 -35.37
N ALA A 121 23.81 21.51 -34.28
CA ALA A 121 22.69 20.82 -33.65
C ALA A 121 21.51 20.75 -34.63
N TYR A 122 21.26 21.87 -35.32
CA TYR A 122 20.24 21.98 -36.34
C TYR A 122 20.48 20.97 -37.45
N ASN A 123 21.67 20.94 -38.02
CA ASN A 123 21.95 19.95 -39.06
C ASN A 123 21.86 18.51 -38.59
N LEU A 124 22.23 18.25 -37.34
CA LEU A 124 22.04 16.93 -36.75
C LEU A 124 20.52 16.63 -36.65
N GLY A 125 19.71 17.63 -36.30
CA GLY A 125 18.25 17.43 -36.30
C GLY A 125 17.72 17.08 -37.69
N LEU A 126 18.24 17.69 -38.75
CA LEU A 126 17.77 17.32 -40.11
C LEU A 126 18.12 15.90 -40.47
N GLU A 127 19.33 15.45 -40.10
CA GLU A 127 19.75 14.07 -40.34
C GLU A 127 18.85 13.09 -39.60
N ILE A 128 18.50 13.41 -38.37
CA ILE A 128 17.60 12.58 -37.56
C ILE A 128 16.23 12.47 -38.20
N LYS A 129 15.69 13.59 -38.66
CA LYS A 129 14.38 13.64 -39.36
C LYS A 129 14.44 12.79 -40.64
N ASN A 130 15.51 12.99 -41.44
CA ASN A 130 15.70 12.20 -42.65
C ASN A 130 15.81 10.71 -42.30
N LYS A 131 16.62 10.36 -41.31
CA LYS A 131 16.77 8.96 -40.86
C LYS A 131 15.44 8.28 -40.49
N ILE A 132 14.66 8.95 -39.68
CA ILE A 132 13.43 8.37 -39.18
C ILE A 132 12.40 8.25 -40.33
N LEU A 133 12.32 9.28 -41.19
CA LEU A 133 11.49 9.15 -42.40
C LEU A 133 11.94 7.93 -43.27
N GLU A 134 13.25 7.74 -43.43
CA GLU A 134 13.74 6.64 -44.31
C GLU A 134 13.43 5.28 -43.71
N LYS A 135 13.54 5.16 -42.39
CA LYS A 135 13.47 3.83 -41.72
C LYS A 135 12.03 3.51 -41.39
N GLU A 136 11.27 4.51 -41.00
CA GLU A 136 9.94 4.19 -40.48
C GLU A 136 8.83 4.93 -41.23
N LYS A 137 9.20 5.81 -42.16
CA LYS A 137 8.25 6.67 -42.89
C LYS A 137 7.44 7.59 -41.95
N ILE A 138 8.05 7.95 -40.81
CA ILE A 138 7.36 8.74 -39.80
C ILE A 138 7.99 10.13 -39.80
N THR A 139 7.17 11.18 -39.87
CA THR A 139 7.69 12.56 -39.63
C THR A 139 7.71 12.95 -38.16
N VAL A 140 8.70 13.76 -37.78
CA VAL A 140 8.77 14.12 -36.38
C VAL A 140 9.08 15.61 -36.33
N THR A 141 8.91 16.21 -35.15
CA THR A 141 9.31 17.59 -34.95
C THR A 141 10.51 17.62 -34.01
N VAL A 142 11.53 18.39 -34.40
CA VAL A 142 12.72 18.53 -33.57
C VAL A 142 12.74 19.90 -32.89
N GLY A 143 12.95 19.91 -31.57
CA GLY A 143 13.16 21.18 -30.87
C GLY A 143 14.53 21.20 -30.22
N ILE A 144 15.29 22.27 -30.44
CA ILE A 144 16.67 22.36 -29.90
C ILE A 144 16.79 23.62 -28.99
N SER A 145 17.23 23.43 -27.74
CA SER A 145 17.55 24.57 -26.89
C SER A 145 18.53 24.20 -25.75
N LYS A 146 18.61 25.04 -24.71
CA LYS A 146 19.63 24.87 -23.65
C LYS A 146 19.18 23.95 -22.51
N ASN A 147 17.90 23.62 -22.49
CA ASN A 147 17.37 22.71 -21.47
C ASN A 147 16.14 22.00 -22.04
N LYS A 148 15.65 21.00 -21.33
CA LYS A 148 14.54 20.18 -21.82
C LYS A 148 13.25 20.99 -22.03
N VAL A 149 12.98 21.94 -21.16
CA VAL A 149 11.75 22.71 -21.26
C VAL A 149 11.70 23.59 -22.53
N PHE A 150 12.78 24.31 -22.82
CA PHE A 150 12.82 25.12 -24.02
C PHE A 150 12.97 24.33 -25.33
N ALA A 151 13.64 23.17 -25.28
CA ALA A 151 13.61 22.21 -26.39
C ALA A 151 12.17 21.79 -26.73
N LYS A 152 11.32 21.56 -25.72
CA LYS A 152 9.95 21.14 -25.94
C LYS A 152 9.11 22.30 -26.46
N ILE A 153 9.33 23.51 -25.94
CA ILE A 153 8.65 24.72 -26.45
C ILE A 153 8.97 24.93 -27.95
N ALA A 154 10.24 24.72 -28.30
CA ALA A 154 10.69 24.85 -29.68
C ALA A 154 9.97 23.85 -30.55
N ALA A 155 9.81 22.60 -30.10
CA ALA A 155 9.05 21.62 -30.86
C ALA A 155 7.52 22.00 -30.88
N ASP A 156 6.95 22.44 -29.76
CA ASP A 156 5.56 22.97 -29.79
C ASP A 156 5.35 24.05 -30.86
N MET A 157 6.35 24.93 -31.02
N MET A 157 6.33 24.95 -31.03
CA MET A 157 6.27 26.06 -31.98
CA MET A 157 6.21 26.04 -32.01
C MET A 157 6.50 25.65 -33.45
C MET A 157 6.40 25.60 -33.47
N ALA A 158 6.99 24.43 -33.66
CA ALA A 158 7.42 24.00 -34.99
C ALA A 158 6.60 22.85 -35.58
N LYS A 159 5.75 22.17 -34.78
CA LYS A 159 5.10 20.97 -35.26
C LYS A 159 4.00 21.33 -36.26
N PRO A 160 3.64 20.38 -37.18
CA PRO A 160 4.22 19.06 -37.37
C PRO A 160 5.38 19.10 -38.40
N ASN A 161 6.23 18.08 -38.41
CA ASN A 161 7.30 17.96 -39.44
C ASN A 161 8.14 19.23 -39.43
N GLY A 162 8.53 19.66 -38.24
CA GLY A 162 9.26 20.92 -38.11
C GLY A 162 10.63 20.70 -37.46
N ILE A 163 11.39 21.77 -37.36
CA ILE A 163 12.62 21.77 -36.65
C ILE A 163 12.88 23.19 -36.25
N LYS A 164 13.18 23.38 -34.98
CA LYS A 164 13.36 24.74 -34.49
C LYS A 164 14.43 24.78 -33.39
N VAL A 165 15.32 25.75 -33.49
CA VAL A 165 16.23 26.13 -32.39
C VAL A 165 15.73 27.36 -31.61
N ILE A 166 15.77 27.28 -30.27
CA ILE A 166 15.57 28.49 -29.41
C ILE A 166 16.90 28.80 -28.73
N ASP A 167 17.56 29.85 -29.19
CA ASP A 167 18.92 30.09 -28.71
C ASP A 167 18.88 30.98 -27.46
N ASP A 168 20.05 31.34 -26.96
CA ASP A 168 20.14 32.09 -25.69
C ASP A 168 19.39 33.42 -25.71
N GLU A 169 19.51 34.14 -26.82
CA GLU A 169 18.83 35.41 -27.00
C GLU A 169 17.30 35.20 -26.98
N GLU A 170 16.81 34.15 -27.68
CA GLU A 170 15.37 33.87 -27.71
CA GLU A 170 15.38 33.85 -27.73
C GLU A 170 14.84 33.33 -26.38
N VAL A 171 15.66 32.56 -25.67
CA VAL A 171 15.27 32.11 -24.33
C VAL A 171 14.94 33.36 -23.47
N LYS A 172 15.82 34.35 -23.51
CA LYS A 172 15.65 35.60 -22.74
C LYS A 172 14.40 36.35 -23.16
N ARG A 173 14.14 36.40 -24.47
CA ARG A 173 12.92 36.99 -24.98
C ARG A 173 11.64 36.24 -24.50
N LEU A 174 11.63 34.90 -24.59
CA LEU A 174 10.44 34.10 -24.24
C LEU A 174 10.08 34.10 -22.76
N ILE A 175 11.07 34.16 -21.88
CA ILE A 175 10.81 34.36 -20.44
C ILE A 175 9.90 35.60 -20.25
N ARG A 176 10.19 36.66 -21.01
CA ARG A 176 9.39 37.88 -20.99
C ARG A 176 8.07 37.78 -21.78
N GLU A 177 8.08 37.06 -22.89
CA GLU A 177 7.04 37.20 -23.91
C GLU A 177 6.07 36.02 -24.02
N LEU A 178 6.45 34.89 -23.44
CA LEU A 178 5.65 33.66 -23.54
C LEU A 178 4.57 33.51 -22.45
N ASP A 179 3.33 33.26 -22.90
CA ASP A 179 2.23 32.92 -22.01
C ASP A 179 2.67 31.80 -21.06
N ILE A 180 2.38 31.97 -19.77
CA ILE A 180 2.81 31.03 -18.75
C ILE A 180 2.12 29.65 -18.89
N ALA A 181 0.95 29.64 -19.54
CA ALA A 181 0.20 28.41 -19.76
C ALA A 181 0.93 27.51 -20.77
N ASP A 182 1.80 28.13 -21.57
CA ASP A 182 2.56 27.43 -22.60
C ASP A 182 3.87 26.81 -22.10
N VAL A 183 4.17 27.04 -20.82
CA VAL A 183 5.32 26.45 -20.15
C VAL A 183 5.06 24.97 -19.79
N PRO A 184 5.86 24.03 -20.36
CA PRO A 184 5.67 22.60 -20.10
C PRO A 184 5.61 22.29 -18.61
N GLY A 185 4.64 21.45 -18.23
CA GLY A 185 4.45 21.09 -16.81
C GLY A 185 3.37 21.87 -16.07
N ILE A 186 3.14 23.12 -16.51
CA ILE A 186 2.13 23.99 -15.90
C ILE A 186 0.77 23.87 -16.60
N GLY A 187 -0.12 23.08 -15.99
CA GLY A 187 -1.45 22.83 -16.54
C GLY A 187 -2.31 24.07 -16.42
N ASN A 188 -3.49 24.04 -17.05
CA ASN A 188 -4.45 25.16 -16.96
C ASN A 188 -4.84 25.45 -15.50
N ILE A 189 -4.47 24.52 -14.59
CA ILE A 189 -5.05 24.59 -13.22
C ILE A 189 -4.21 25.58 -12.34
N THR A 190 -2.89 25.45 -12.49
CA THR A 190 -1.92 26.38 -11.92
C THR A 190 -1.89 27.74 -12.67
N ALA A 191 -1.80 27.65 -14.02
CA ALA A 191 -1.65 28.84 -14.87
C ALA A 191 -2.88 29.77 -14.87
N GLU A 192 -4.06 29.16 -14.71
CA GLU A 192 -5.35 29.92 -14.77
C GLU A 192 -5.63 30.70 -13.47
N LYS A 193 -4.88 30.39 -12.41
CA LYS A 193 -4.93 31.26 -11.19
C LYS A 193 -4.06 32.50 -11.44
N LEU A 194 -2.85 32.24 -11.94
CA LEU A 194 -1.84 33.27 -12.18
C LEU A 194 -2.26 34.28 -13.24
N LYS A 195 -3.13 33.85 -14.15
CA LYS A 195 -3.77 34.77 -15.11
C LYS A 195 -4.57 35.85 -14.35
N LYS A 196 -5.24 35.44 -13.26
CA LYS A 196 -6.03 36.35 -12.41
C LYS A 196 -5.13 36.91 -11.27
N LEU A 197 -3.88 36.38 -11.07
CA LEU A 197 -2.92 36.94 -10.12
C LEU A 197 -1.98 38.06 -10.75
N GLY A 198 -2.23 38.28 -12.04
CA GLY A 198 -1.36 39.27 -12.70
C GLY A 198 -0.01 38.68 -13.07
N ILE A 199 0.03 37.35 -13.16
CA ILE A 199 1.21 36.61 -13.65
C ILE A 199 0.83 35.91 -14.97
N ASN A 200 1.09 36.69 -16.09
CA ASN A 200 0.76 36.26 -17.44
C ASN A 200 1.98 35.76 -18.21
N LYS A 201 3.17 35.98 -17.64
CA LYS A 201 4.47 35.66 -18.26
C LYS A 201 5.39 34.97 -17.27
N LEU A 202 6.34 34.19 -17.78
CA LEU A 202 7.36 33.55 -16.94
C LEU A 202 8.09 34.54 -16.05
N VAL A 203 8.46 35.68 -16.64
CA VAL A 203 9.16 36.75 -15.94
C VAL A 203 8.35 37.29 -14.72
N ASP A 204 7.02 37.37 -14.87
CA ASP A 204 6.11 37.88 -13.83
C ASP A 204 6.24 37.14 -12.47
N THR A 205 6.92 35.99 -12.50
CA THR A 205 7.15 35.19 -11.28
C THR A 205 8.39 35.65 -10.51
N LEU A 206 9.16 36.57 -11.08
CA LEU A 206 10.31 37.11 -10.38
C LEU A 206 9.93 38.31 -9.49
N SER A 207 8.71 38.80 -9.65
CA SER A 207 8.23 39.98 -8.91
C SER A 207 7.27 39.61 -7.79
N ILE A 208 7.03 38.29 -7.66
CA ILE A 208 6.19 37.75 -6.59
C ILE A 208 7.09 37.14 -5.49
N GLU A 209 6.70 37.36 -4.23
CA GLU A 209 7.43 36.81 -3.07
C GLU A 209 7.61 35.30 -3.28
N PHE A 210 8.82 34.78 -2.96
CA PHE A 210 9.10 33.35 -3.11
C PHE A 210 8.10 32.48 -2.33
N ASP A 211 7.81 32.91 -1.07
CA ASP A 211 6.78 32.26 -0.21
C ASP A 211 5.34 32.35 -0.76
N LYS A 212 5.04 33.49 -1.34
CA LYS A 212 3.75 33.76 -2.00
C LYS A 212 3.57 32.86 -3.24
N LEU A 213 4.69 32.35 -3.77
CA LEU A 213 4.63 31.39 -4.88
C LEU A 213 4.22 29.99 -4.39
N LYS A 214 4.59 29.63 -3.16
CA LYS A 214 3.99 28.44 -2.50
C LYS A 214 2.99 28.83 -1.39
N GLY A 215 1.82 29.36 -1.76
CA GLY A 215 1.45 29.65 -3.14
C GLY A 215 0.07 29.21 -3.55
N MET A 216 -0.09 29.00 -4.85
CA MET A 216 -1.34 28.51 -5.43
C MET A 216 -1.14 27.46 -6.56
N ILE A 217 0.09 26.98 -6.85
CA ILE A 217 1.30 27.18 -6.04
C ILE A 217 2.09 25.88 -5.87
N GLY A 218 2.43 25.56 -4.62
CA GLY A 218 3.16 24.32 -4.30
C GLY A 218 4.67 24.44 -4.52
N GLU A 219 5.46 24.21 -3.50
CA GLU A 219 6.96 24.41 -3.52
C GLU A 219 7.76 23.96 -4.71
N ALA A 220 7.42 22.69 -5.12
CA ALA A 220 8.18 22.09 -6.23
C ALA A 220 7.97 22.81 -7.59
N LYS A 221 6.76 23.32 -7.77
CA LYS A 221 6.37 24.05 -8.98
C LYS A 221 6.95 25.45 -8.94
N ALA A 222 7.12 25.95 -7.71
CA ALA A 222 7.68 27.26 -7.41
C ALA A 222 9.16 27.30 -7.75
N LYS A 223 9.90 26.28 -7.31
CA LYS A 223 11.34 26.17 -7.59
C LYS A 223 11.59 25.85 -9.06
N TYR A 224 10.54 25.38 -9.75
CA TYR A 224 10.60 25.07 -11.16
C TYR A 224 10.47 26.35 -12.00
N LEU A 225 9.36 27.07 -11.82
CA LEU A 225 9.08 28.29 -12.58
C LEU A 225 10.10 29.39 -12.32
N ILE A 226 10.54 29.50 -11.06
CA ILE A 226 11.51 30.53 -10.64
C ILE A 226 12.89 30.34 -11.28
N SER A 227 13.35 29.10 -11.36
CA SER A 227 14.64 28.79 -11.96
C SER A 227 14.57 28.79 -13.50
N LEU A 228 13.37 28.67 -14.07
CA LEU A 228 13.17 28.92 -15.51
C LEU A 228 13.27 30.42 -15.79
N ALA A 229 12.46 31.22 -15.09
CA ALA A 229 12.49 32.67 -15.23
C ALA A 229 13.88 33.20 -14.94
N ARG A 230 14.56 32.58 -13.97
CA ARG A 230 15.92 32.97 -13.60
C ARG A 230 16.95 32.47 -14.59
N ASP A 231 16.49 31.71 -15.59
CA ASP A 231 17.35 31.15 -16.63
C ASP A 231 18.44 30.25 -16.02
N GLU A 232 18.09 29.56 -14.95
CA GLU A 232 19.04 28.70 -14.26
C GLU A 232 18.58 27.25 -14.24
N TYR A 233 17.51 26.93 -15.00
CA TYR A 233 17.03 25.56 -15.08
C TYR A 233 17.96 24.77 -15.99
N ASN A 234 18.53 23.69 -15.45
CA ASN A 234 19.13 22.63 -16.27
C ASN A 234 19.08 21.34 -15.33
N GLU A 235 19.51 20.17 -15.85
CA GLU A 235 18.66 19.52 -16.90
C GLU A 235 18.14 18.54 -15.85
N PRO A 236 18.79 17.38 -15.73
CA PRO A 236 19.60 16.81 -16.81
C PRO A 236 18.84 15.63 -17.44
N ILE A 237 19.35 15.12 -18.56
CA ILE A 237 18.67 14.03 -19.24
C ILE A 237 18.79 12.74 -18.40
N ARG A 238 17.65 12.25 -17.93
CA ARG A 238 17.63 11.03 -17.11
C ARG A 238 17.55 9.82 -18.01
N THR A 239 18.66 9.08 -18.12
CA THR A 239 18.65 7.82 -18.83
C THR A 239 17.96 6.78 -17.95
N ARG A 240 17.87 5.55 -18.45
CA ARG A 240 17.04 4.52 -17.80
C ARG A 240 16.99 4.51 -16.25
N VAL A 241 15.81 4.17 -15.76
CA VAL A 241 15.51 4.12 -14.33
C VAL A 241 16.25 2.93 -13.67
N ARG A 242 17.21 3.22 -12.82
CA ARG A 242 17.98 2.14 -12.18
C ARG A 242 17.13 1.32 -11.19
N LYS A 243 17.42 0.02 -11.14
CA LYS A 243 16.86 -0.90 -10.13
C LYS A 243 17.60 -0.92 -8.76
N SER A 244 18.85 -0.49 -8.75
CA SER A 244 19.54 -0.38 -7.49
C SER A 244 20.40 0.87 -7.55
N ILE A 245 20.68 1.43 -6.39
CA ILE A 245 21.45 2.65 -6.28
C ILE A 245 22.32 2.52 -5.07
N GLY A 246 23.57 2.95 -5.18
CA GLY A 246 24.43 2.92 -3.99
C GLY A 246 25.79 3.50 -4.31
N ARG A 247 26.73 3.30 -3.39
CA ARG A 247 28.06 3.85 -3.53
CA ARG A 247 28.07 3.82 -3.58
C ARG A 247 29.04 2.91 -2.84
N ILE A 248 30.20 2.73 -3.45
CA ILE A 248 31.28 2.00 -2.82
C ILE A 248 32.45 2.97 -2.77
N VAL A 249 33.22 2.85 -1.68
CA VAL A 249 34.33 3.72 -1.48
C VAL A 249 35.55 2.92 -1.08
N THR A 250 36.70 3.35 -1.57
CA THR A 250 38.00 2.78 -1.21
C THR A 250 38.51 3.33 0.11
N MET A 251 38.90 2.43 1.00
CA MET A 251 39.50 2.87 2.26
C MET A 251 41.01 3.05 2.15
N LYS A 252 41.55 3.95 2.99
CA LYS A 252 42.99 4.24 3.02
C LYS A 252 43.81 2.98 3.31
N ARG A 253 43.27 2.05 4.10
CA ARG A 253 43.99 0.81 4.40
C ARG A 253 43.09 -0.40 4.58
N ASN A 254 43.66 -1.58 4.40
CA ASN A 254 42.91 -2.82 4.64
C ASN A 254 42.56 -2.82 6.14
N SER A 255 41.34 -3.23 6.47
CA SER A 255 40.95 -3.29 7.87
C SER A 255 39.87 -4.34 8.12
N ARG A 256 39.82 -4.80 9.37
CA ARG A 256 38.68 -5.53 9.92
C ARG A 256 38.15 -4.80 11.14
N ASN A 257 38.56 -3.55 11.31
CA ASN A 257 38.16 -2.82 12.48
C ASN A 257 36.84 -2.05 12.14
N LEU A 258 35.76 -2.50 12.78
CA LEU A 258 34.41 -1.85 12.70
C LEU A 258 34.50 -0.32 12.90
N GLU A 259 35.23 0.13 13.91
CA GLU A 259 35.34 1.58 14.20
CA GLU A 259 35.37 1.58 14.22
C GLU A 259 36.09 2.36 13.11
N GLU A 260 37.03 1.71 12.44
CA GLU A 260 37.75 2.30 11.32
C GLU A 260 36.94 2.21 9.98
N ILE A 261 36.20 1.14 9.79
CA ILE A 261 35.39 0.97 8.59
C ILE A 261 34.12 1.85 8.60
N LYS A 262 33.54 2.07 9.78
CA LYS A 262 32.24 2.76 9.89
C LYS A 262 32.18 4.12 9.18
N PRO A 263 33.17 5.02 9.37
CA PRO A 263 32.99 6.30 8.68
C PRO A 263 32.87 6.17 7.16
N TYR A 264 33.57 5.19 6.56
CA TYR A 264 33.50 4.99 5.12
C TYR A 264 32.11 4.49 4.72
N LEU A 265 31.58 3.55 5.51
CA LEU A 265 30.26 2.98 5.23
C LEU A 265 29.17 4.06 5.37
N PHE A 266 29.28 4.91 6.41
CA PHE A 266 28.28 5.95 6.62
C PHE A 266 28.28 6.97 5.50
N ARG A 267 29.45 7.33 4.98
CA ARG A 267 29.51 8.26 3.85
C ARG A 267 28.92 7.68 2.54
N ALA A 268 29.10 6.37 2.31
CA ALA A 268 28.44 5.64 1.21
C ALA A 268 26.95 5.74 1.32
N ILE A 269 26.43 5.48 2.53
CA ILE A 269 25.03 5.70 2.86
C ILE A 269 24.58 7.11 2.50
N GLU A 270 25.37 8.10 2.88
CA GLU A 270 25.02 9.50 2.68
C GLU A 270 24.88 9.83 1.23
N GLU A 271 25.95 9.59 0.44
CA GLU A 271 25.92 9.67 -1.02
C GLU A 271 24.70 8.91 -1.62
N SER A 272 24.39 7.72 -1.09
CA SER A 272 23.30 6.91 -1.62
C SER A 272 21.92 7.52 -1.46
N TYR A 273 21.59 8.02 -0.25
CA TYR A 273 20.25 8.56 -0.02
C TYR A 273 19.96 9.81 -0.84
N TYR A 274 21.02 10.54 -1.17
CA TYR A 274 20.93 11.76 -1.99
C TYR A 274 20.43 11.35 -3.37
N LYS A 275 20.93 10.22 -3.86
CA LYS A 275 20.58 9.71 -5.19
C LYS A 275 19.20 9.05 -5.17
N LEU A 276 18.83 8.41 -4.06
CA LEU A 276 17.51 7.77 -3.93
C LEU A 276 16.44 8.83 -3.99
N ASP A 277 16.70 9.92 -3.28
CA ASP A 277 15.81 11.07 -3.22
C ASP A 277 14.42 10.70 -2.66
N LYS A 278 13.42 10.75 -3.52
CA LYS A 278 12.06 10.37 -3.18
C LYS A 278 11.79 8.85 -3.12
N ARG A 279 12.73 8.03 -3.60
N ARG A 279 12.73 8.03 -3.61
CA ARG A 279 12.61 6.58 -3.61
CA ARG A 279 12.55 6.59 -3.64
C ARG A 279 12.92 6.01 -2.26
C ARG A 279 12.93 5.96 -2.31
N ILE A 280 12.01 5.20 -1.75
CA ILE A 280 12.21 4.53 -0.49
C ILE A 280 12.59 3.06 -0.77
N PRO A 281 13.80 2.63 -0.36
CA PRO A 281 14.18 1.27 -0.69
C PRO A 281 13.69 0.30 0.35
N LYS A 282 13.36 -0.91 -0.08
CA LYS A 282 12.99 -1.97 0.85
C LYS A 282 14.14 -2.87 1.19
N ALA A 283 15.21 -2.82 0.40
CA ALA A 283 16.33 -3.72 0.64
C ALA A 283 17.61 -2.92 0.70
N ILE A 284 18.51 -3.39 1.56
CA ILE A 284 19.86 -2.84 1.66
C ILE A 284 20.86 -3.98 1.60
N HIS A 285 21.95 -3.83 0.83
CA HIS A 285 23.09 -4.75 0.90
C HIS A 285 24.34 -3.96 1.23
N VAL A 286 25.15 -4.50 2.13
CA VAL A 286 26.50 -3.98 2.35
C VAL A 286 27.41 -4.82 1.49
N VAL A 287 28.29 -4.15 0.76
CA VAL A 287 29.21 -4.79 -0.14
C VAL A 287 30.66 -4.47 0.32
N ALA A 288 31.47 -5.51 0.52
CA ALA A 288 32.91 -5.35 0.83
C ALA A 288 33.77 -6.00 -0.25
N VAL A 289 34.85 -5.30 -0.64
CA VAL A 289 35.89 -5.85 -1.48
C VAL A 289 37.08 -6.19 -0.53
N THR A 290 37.50 -7.46 -0.54
CA THR A 290 38.52 -7.94 0.37
C THR A 290 39.89 -7.57 -0.19
N GLU A 291 40.90 -7.64 0.67
CA GLU A 291 42.26 -7.28 0.31
C GLU A 291 42.70 -8.03 -0.95
N ASP A 292 42.27 -9.28 -1.08
CA ASP A 292 42.62 -10.10 -2.25
C ASP A 292 41.56 -9.98 -3.37
N LEU A 293 40.74 -8.94 -3.31
CA LEU A 293 39.84 -8.57 -4.42
C LEU A 293 38.62 -9.48 -4.58
N ASP A 294 38.33 -10.31 -3.60
CA ASP A 294 37.01 -10.95 -3.54
C ASP A 294 35.89 -10.00 -3.13
N ILE A 295 34.66 -10.38 -3.46
CA ILE A 295 33.52 -9.59 -3.11
C ILE A 295 32.68 -10.38 -2.09
N VAL A 296 32.34 -9.74 -0.98
CA VAL A 296 31.49 -10.35 0.02
C VAL A 296 30.34 -9.38 0.35
N SER A 297 29.09 -9.84 0.24
N SER A 297 29.10 -9.88 0.27
CA SER A 297 28.00 -8.97 0.64
CA SER A 297 27.93 -9.04 0.49
C SER A 297 26.92 -9.68 1.45
C SER A 297 26.88 -9.69 1.41
N ARG A 298 26.15 -8.86 2.15
CA ARG A 298 25.04 -9.32 2.99
C ARG A 298 23.96 -8.27 2.94
N GLY A 299 22.70 -8.71 2.88
CA GLY A 299 21.61 -7.76 2.79
C GLY A 299 20.45 -8.15 3.65
N ARG A 300 19.46 -7.25 3.73
CA ARG A 300 18.23 -7.48 4.49
CA ARG A 300 18.23 -7.50 4.46
C ARG A 300 17.13 -6.66 3.81
N THR A 301 15.92 -7.19 3.88
CA THR A 301 14.73 -6.56 3.32
C THR A 301 13.79 -6.12 4.48
N PHE A 302 13.22 -4.93 4.37
CA PHE A 302 12.30 -4.40 5.35
C PHE A 302 11.04 -4.08 4.58
N PRO A 303 9.96 -4.82 4.83
CA PRO A 303 8.73 -4.64 4.03
C PRO A 303 8.25 -3.19 3.95
N HIS A 304 8.44 -2.40 5.01
CA HIS A 304 8.10 -0.98 4.95
C HIS A 304 9.40 -0.27 4.55
N GLY A 305 9.43 1.01 4.35
CA GLY A 305 10.79 1.40 3.76
C GLY A 305 12.03 1.25 4.66
N ILE A 306 13.20 1.60 4.12
CA ILE A 306 14.40 1.85 4.93
C ILE A 306 14.72 3.35 4.92
N SER A 307 14.48 4.05 6.05
CA SER A 307 14.93 5.43 6.25
C SER A 307 16.48 5.49 6.34
N LYS A 308 17.10 6.68 6.21
CA LYS A 308 18.57 6.78 6.36
C LYS A 308 19.08 6.31 7.73
N GLU A 309 18.27 6.53 8.77
CA GLU A 309 18.62 6.07 10.11
C GLU A 309 18.63 4.55 10.20
N THR A 310 17.59 3.91 9.66
CA THR A 310 17.54 2.44 9.55
C THR A 310 18.77 1.91 8.79
N ALA A 311 19.14 2.56 7.70
CA ALA A 311 20.32 2.16 6.86
C ALA A 311 21.64 2.25 7.68
N TYR A 312 21.84 3.36 8.42
CA TYR A 312 22.94 3.49 9.41
C TYR A 312 23.02 2.28 10.36
N SER A 313 21.92 1.94 11.04
CA SER A 313 21.96 0.88 12.03
C SER A 313 22.00 -0.52 11.41
N GLU A 314 21.20 -0.73 10.36
CA GLU A 314 21.23 -2.03 9.70
C GLU A 314 22.56 -2.28 8.98
N SER A 315 23.13 -1.26 8.35
CA SER A 315 24.40 -1.50 7.62
C SER A 315 25.52 -1.99 8.57
N VAL A 316 25.57 -1.44 9.79
CA VAL A 316 26.56 -1.86 10.80
C VAL A 316 26.34 -3.35 11.12
N LYS A 317 25.07 -3.77 11.29
CA LYS A 317 24.79 -5.18 11.57
C LYS A 317 25.23 -6.15 10.42
N LEU A 318 25.03 -5.72 9.19
CA LEU A 318 25.39 -6.50 8.00
C LEU A 318 26.92 -6.51 7.85
N LEU A 319 27.58 -5.38 8.06
CA LEU A 319 29.06 -5.37 8.16
C LEU A 319 29.61 -6.32 9.28
N GLN A 320 29.01 -6.30 10.45
CA GLN A 320 29.40 -7.23 11.53
C GLN A 320 29.30 -8.71 11.09
N LYS A 321 28.23 -9.04 10.34
CA LYS A 321 27.95 -10.37 9.83
C LYS A 321 29.02 -10.80 8.83
N ILE A 322 29.36 -9.91 7.90
CA ILE A 322 30.49 -10.10 6.99
C ILE A 322 31.77 -10.43 7.78
N LEU A 323 32.07 -9.60 8.77
CA LEU A 323 33.29 -9.73 9.54
C LEU A 323 33.30 -11.06 10.31
N GLU A 324 32.14 -11.48 10.78
CA GLU A 324 32.02 -12.76 11.50
C GLU A 324 32.15 -13.92 10.54
N GLU A 325 31.79 -13.71 9.26
CA GLU A 325 31.64 -14.84 8.35
C GLU A 325 32.78 -14.97 7.35
N ASP A 326 33.65 -13.98 7.31
CA ASP A 326 34.80 -13.98 6.43
C ASP A 326 35.96 -13.44 7.26
N GLU A 327 37.04 -14.20 7.27
CA GLU A 327 38.25 -13.92 8.04
C GLU A 327 39.08 -12.79 7.43
N ARG A 328 38.81 -12.41 6.19
CA ARG A 328 39.74 -11.52 5.46
C ARG A 328 39.61 -10.02 5.78
N LYS A 329 40.67 -9.26 5.51
CA LYS A 329 40.59 -7.79 5.58
C LYS A 329 39.76 -7.24 4.44
N ILE A 330 39.10 -6.11 4.64
N ILE A 330 39.18 -6.07 4.68
CA ILE A 330 38.43 -5.52 3.51
CA ILE A 330 38.36 -5.35 3.72
C ILE A 330 39.12 -4.22 3.15
C ILE A 330 39.17 -4.18 3.17
N ARG A 331 39.06 -3.89 1.88
CA ARG A 331 39.72 -2.71 1.31
C ARG A 331 38.72 -1.64 0.81
N ARG A 332 37.55 -2.08 0.34
CA ARG A 332 36.48 -1.15 -0.09
C ARG A 332 35.24 -1.54 0.61
N ILE A 333 34.39 -0.56 0.90
CA ILE A 333 33.12 -0.85 1.57
C ILE A 333 32.07 0.04 0.93
N GLY A 334 30.86 -0.51 0.78
CA GLY A 334 29.84 0.17 0.06
C GLY A 334 28.48 -0.35 0.43
N VAL A 335 27.47 0.24 -0.17
CA VAL A 335 26.12 -0.09 0.20
C VAL A 335 25.33 -0.01 -1.12
N ARG A 336 24.34 -0.88 -1.28
N ARG A 336 24.31 -0.86 -1.27
N ARG A 336 24.28 -0.82 -1.22
CA ARG A 336 23.44 -0.68 -2.37
CA ARG A 336 23.45 -0.82 -2.43
CA ARG A 336 23.44 -0.87 -2.41
C ARG A 336 22.04 -0.81 -1.82
C ARG A 336 21.99 -1.00 -2.01
C ARG A 336 21.97 -1.03 -2.03
N PHE A 337 21.13 -0.07 -2.44
CA PHE A 337 19.70 -0.10 -2.12
C PHE A 337 18.88 -0.52 -3.30
N SER A 338 17.79 -1.24 -3.05
CA SER A 338 16.94 -1.72 -4.12
C SER A 338 15.52 -1.91 -3.63
N LYS A 339 14.69 -2.42 -4.56
CA LYS A 339 13.26 -2.70 -4.35
C LYS A 339 12.57 -1.42 -3.84
N PHE A 340 12.40 -0.49 -4.75
CA PHE A 340 11.97 0.84 -4.37
C PHE A 340 10.46 0.98 -4.26
N ILE A 341 10.04 1.77 -3.27
CA ILE A 341 8.64 2.18 -3.19
C ILE A 341 8.63 3.59 -3.78
N GLU A 342 7.92 3.78 -4.89
CA GLU A 342 7.86 5.12 -5.44
C GLU A 342 6.42 5.62 -5.62
N ALA A 343 6.06 6.54 -4.74
CA ALA A 343 4.75 7.15 -4.70
C ALA A 343 4.70 8.25 -5.73
N ILE A 344 3.57 8.35 -6.44
CA ILE A 344 3.35 9.47 -7.31
C ILE A 344 2.13 10.23 -6.76
N GLY A 345 2.17 11.55 -6.80
CA GLY A 345 1.10 12.36 -6.20
C GLY A 345 -0.16 12.37 -7.07
N LEU A 346 -1.30 12.62 -6.43
CA LEU A 346 -2.58 12.69 -7.13
C LEU A 346 -2.60 13.84 -8.14
N ASP A 347 -1.77 14.85 -7.86
CA ASP A 347 -1.17 15.70 -8.91
C ASP A 347 -1.56 15.20 -10.30
N LYS A 348 -1.14 13.96 -10.72
CA LYS A 348 -0.30 13.98 -11.97
C LYS A 348 -1.58 13.65 -12.76
N PHE A 349 -2.70 13.62 -12.01
CA PHE A 349 -4.01 13.26 -12.54
C PHE A 349 -5.02 14.43 -12.56
N PHE A 350 -4.60 15.63 -12.12
CA PHE A 350 -5.51 16.80 -12.15
C PHE A 350 -5.52 17.43 -13.52
N ASP A 351 -4.30 17.60 -14.05
CA ASP A 351 -3.93 18.92 -14.67
C ASP A 351 -5.06 19.82 -15.16
N THR A 352 -4.69 20.83 -15.94
CA THR A 352 -3.97 20.69 -17.24
C THR A 352 -4.35 21.86 -18.08
N MET B 1 -21.17 36.85 6.46
CA MET B 1 -22.04 36.01 7.34
C MET B 1 -22.43 34.71 6.60
N VAL B 2 -22.07 33.59 7.22
CA VAL B 2 -22.47 32.24 6.75
C VAL B 2 -23.43 31.65 7.78
N LYS B 3 -24.58 31.13 7.33
CA LYS B 3 -25.53 30.42 8.22
C LYS B 3 -26.05 29.14 7.58
N ILE B 4 -25.87 28.03 8.30
CA ILE B 4 -26.21 26.69 7.81
C ILE B 4 -27.02 25.94 8.86
N VAL B 5 -28.01 25.17 8.40
CA VAL B 5 -28.71 24.20 9.26
C VAL B 5 -28.66 22.82 8.59
N TYR B 6 -27.91 21.91 9.22
CA TYR B 6 -27.84 20.50 8.87
C TYR B 6 -28.93 19.72 9.56
N PRO B 7 -29.70 18.90 8.80
CA PRO B 7 -30.82 18.16 9.40
C PRO B 7 -30.35 16.90 10.19
N ASN B 8 -29.10 16.49 10.04
CA ASN B 8 -28.60 15.26 10.67
C ASN B 8 -27.23 15.47 11.31
N ALA B 9 -27.23 15.78 12.61
CA ALA B 9 -25.97 16.08 13.32
C ALA B 9 -24.98 14.90 13.32
N LYS B 10 -25.52 13.69 13.43
CA LYS B 10 -24.72 12.46 13.43
C LYS B 10 -23.84 12.39 12.19
N ASP B 11 -24.45 12.62 11.03
CA ASP B 11 -23.70 12.63 9.76
C ASP B 11 -22.67 13.74 9.70
N PHE B 12 -23.00 14.91 10.27
CA PHE B 12 -22.08 16.04 10.33
C PHE B 12 -20.76 15.64 11.01
N PHE B 13 -20.88 15.06 12.20
CA PHE B 13 -19.73 14.52 12.94
C PHE B 13 -19.00 13.43 12.15
N SER B 14 -19.74 12.55 11.50
CA SER B 14 -19.11 11.52 10.67
C SER B 14 -18.22 12.14 9.57
N PHE B 15 -18.69 13.21 8.94
CA PHE B 15 -17.89 13.88 7.89
C PHE B 15 -16.60 14.48 8.45
N ILE B 16 -16.73 15.24 9.53
CA ILE B 16 -15.58 15.83 10.21
C ILE B 16 -14.56 14.76 10.60
N ASN B 17 -15.02 13.72 11.25
CA ASN B 17 -14.13 12.68 11.67
C ASN B 17 -13.48 11.96 10.48
N SER B 18 -14.22 11.81 9.41
CA SER B 18 -13.72 11.11 8.22
C SER B 18 -12.53 11.88 7.60
N ILE B 19 -12.67 13.21 7.53
CA ILE B 19 -11.62 14.06 6.93
C ILE B 19 -10.30 13.98 7.72
N THR B 20 -10.45 13.74 9.00
CA THR B 20 -9.40 13.65 10.00
C THR B 20 -8.44 12.48 9.70
N ASN B 21 -8.90 11.51 8.92
CA ASN B 21 -8.04 10.43 8.45
C ASN B 21 -6.92 10.90 7.53
N VAL B 22 -6.96 12.16 7.09
CA VAL B 22 -5.98 12.70 6.13
C VAL B 22 -5.23 13.93 6.65
N THR B 23 -5.83 14.71 7.55
CA THR B 23 -5.29 15.95 8.14
C THR B 23 -5.67 16.07 9.60
N ASP B 24 -4.88 16.80 10.39
CA ASP B 24 -5.33 17.27 11.72
C ASP B 24 -6.16 18.54 11.70
N SER B 25 -5.95 19.40 10.70
CA SER B 25 -6.66 20.67 10.59
C SER B 25 -7.60 20.58 9.37
N ILE B 26 -8.76 21.23 9.46
CA ILE B 26 -9.79 21.13 8.41
C ILE B 26 -10.18 22.48 7.86
N ILE B 27 -10.27 22.61 6.53
CA ILE B 27 -10.79 23.84 5.95
C ILE B 27 -12.17 23.57 5.35
N LEU B 28 -13.18 24.30 5.83
CA LEU B 28 -14.51 24.24 5.25
C LEU B 28 -14.67 25.34 4.26
N ASN B 29 -15.21 24.99 3.11
CA ASN B 29 -15.46 26.01 2.09
C ASN B 29 -16.93 26.20 1.85
N PHE B 30 -17.38 27.45 1.96
CA PHE B 30 -18.78 27.82 1.77
C PHE B 30 -18.96 28.50 0.42
N THR B 31 -19.57 27.79 -0.51
CA THR B 31 -19.67 28.26 -1.88
C THR B 31 -21.11 28.48 -2.24
N GLU B 32 -21.38 28.81 -3.49
CA GLU B 32 -22.74 29.08 -3.93
C GLU B 32 -23.55 27.78 -4.03
N ASP B 33 -22.85 26.66 -4.25
CA ASP B 33 -23.44 25.33 -4.44
C ASP B 33 -23.59 24.51 -3.16
N GLY B 34 -22.91 24.93 -2.11
CA GLY B 34 -22.94 24.23 -0.80
C GLY B 34 -21.59 24.22 -0.10
N ILE B 35 -21.38 23.16 0.68
CA ILE B 35 -20.18 23.03 1.47
C ILE B 35 -19.30 21.95 0.89
N PHE B 36 -18.00 22.21 0.91
CA PHE B 36 -17.01 21.16 0.61
C PHE B 36 -15.73 21.35 1.40
N SER B 37 -15.02 20.26 1.56
CA SER B 37 -13.73 20.26 2.19
C SER B 37 -12.87 19.30 1.36
N ARG B 38 -11.61 19.66 1.16
CA ARG B 38 -10.72 18.89 0.30
C ARG B 38 -9.34 18.97 0.89
N HIS B 39 -8.82 17.82 1.28
CA HIS B 39 -7.51 17.74 1.91
C HIS B 39 -6.69 16.59 1.34
N LEU B 40 -5.39 16.80 1.26
CA LEU B 40 -4.51 15.71 0.82
C LEU B 40 -3.45 15.55 1.89
N THR B 41 -2.92 14.33 1.96
CA THR B 41 -1.75 14.04 2.77
C THR B 41 -0.54 14.75 2.18
N GLU B 42 0.49 14.87 2.99
CA GLU B 42 1.70 15.59 2.61
C GLU B 42 2.35 15.06 1.30
N ASP B 43 2.36 13.75 1.12
CA ASP B 43 2.92 13.15 -0.10
C ASP B 43 1.91 13.17 -1.27
N LYS B 44 0.71 13.69 -1.03
CA LYS B 44 -0.32 13.85 -2.07
C LYS B 44 -0.86 12.49 -2.57
N VAL B 45 -0.61 11.41 -1.84
CA VAL B 45 -1.11 10.13 -2.36
C VAL B 45 -2.59 9.89 -2.02
N LEU B 46 -3.06 10.51 -0.91
CA LEU B 46 -4.43 10.28 -0.46
C LEU B 46 -5.17 11.60 -0.30
N MET B 47 -6.37 11.69 -0.88
CA MET B 47 -7.23 12.86 -0.78
CA MET B 47 -7.23 12.87 -0.75
C MET B 47 -8.57 12.50 -0.14
N ALA B 48 -9.06 13.36 0.76
CA ALA B 48 -10.38 13.26 1.30
C ALA B 48 -11.18 14.44 0.78
N ILE B 49 -12.40 14.17 0.33
CA ILE B 49 -13.30 15.27 -0.12
C ILE B 49 -14.66 15.07 0.52
N MET B 50 -15.15 16.11 1.20
CA MET B 50 -16.53 16.12 1.66
C MET B 50 -17.31 17.08 0.74
N ARG B 51 -18.38 16.61 0.10
CA ARG B 51 -19.23 17.51 -0.71
C ARG B 51 -20.65 17.45 -0.19
N ILE B 52 -21.17 18.60 0.20
CA ILE B 52 -22.54 18.76 0.68
C ILE B 52 -23.28 19.82 -0.17
N PRO B 53 -24.12 19.36 -1.13
CA PRO B 53 -24.94 20.25 -1.92
C PRO B 53 -25.94 20.96 -1.00
N LYS B 54 -26.20 22.25 -1.26
CA LYS B 54 -27.04 23.05 -0.39
C LYS B 54 -28.47 22.51 -0.32
N ASP B 55 -28.88 21.79 -1.35
CA ASP B 55 -30.24 21.22 -1.45
C ASP B 55 -30.53 20.11 -0.43
N VAL B 56 -29.51 19.66 0.31
CA VAL B 56 -29.71 18.72 1.42
C VAL B 56 -29.60 19.35 2.81
N LEU B 57 -29.15 20.61 2.87
CA LEU B 57 -29.26 21.45 4.08
C LEU B 57 -30.68 22.00 4.29
N SER B 58 -31.09 22.10 5.56
CA SER B 58 -32.36 22.69 5.94
C SER B 58 -32.38 24.17 5.60
N GLU B 59 -31.23 24.80 5.78
CA GLU B 59 -31.05 26.22 5.54
C GLU B 59 -29.60 26.44 5.13
N TYR B 60 -29.38 27.31 4.16
CA TYR B 60 -28.04 27.68 3.71
C TYR B 60 -27.97 29.08 3.15
N SER B 61 -27.15 29.92 3.77
CA SER B 61 -27.04 31.31 3.40
C SER B 61 -25.58 31.74 3.47
N ILE B 62 -24.98 32.21 2.36
CA ILE B 62 -23.69 32.90 2.41
C ILE B 62 -23.81 34.25 1.76
N ASP B 63 -22.93 35.22 2.07
CA ASP B 63 -22.84 36.54 1.38
C ASP B 63 -21.84 36.41 0.23
N SER B 64 -20.59 36.08 0.57
CA SER B 64 -19.54 35.80 -0.38
C SER B 64 -19.04 34.39 -0.09
N PRO B 65 -18.53 33.69 -1.13
CA PRO B 65 -17.84 32.41 -0.92
C PRO B 65 -16.66 32.62 0.04
N THR B 66 -16.50 31.69 1.01
CA THR B 66 -15.57 31.94 2.11
C THR B 66 -15.01 30.62 2.67
N SER B 67 -13.78 30.62 3.12
CA SER B 67 -13.24 29.42 3.77
C SER B 67 -13.07 29.69 5.24
N VAL B 68 -13.18 28.64 6.05
N VAL B 68 -13.12 28.63 6.03
CA VAL B 68 -12.90 28.76 7.48
CA VAL B 68 -12.91 28.73 7.46
C VAL B 68 -11.96 27.64 7.85
C VAL B 68 -11.95 27.63 7.85
N LYS B 69 -10.81 28.01 8.43
CA LYS B 69 -9.81 27.05 8.86
C LYS B 69 -10.02 26.67 10.33
N LEU B 70 -10.24 25.37 10.55
CA LEU B 70 -10.31 24.80 11.89
C LEU B 70 -8.98 24.16 12.25
N ASP B 71 -8.26 24.72 13.21
CA ASP B 71 -7.00 24.13 13.62
C ASP B 71 -7.21 22.84 14.44
N VAL B 72 -6.12 22.22 14.84
CA VAL B 72 -6.19 20.92 15.51
C VAL B 72 -7.10 20.96 16.76
N SER B 73 -6.92 22.00 17.55
CA SER B 73 -7.70 22.18 18.75
C SER B 73 -9.21 22.44 18.54
N SER B 74 -9.55 23.16 17.46
CA SER B 74 -10.96 23.39 17.05
C SER B 74 -11.63 22.12 16.53
N VAL B 75 -10.89 21.34 15.74
CA VAL B 75 -11.37 20.00 15.33
C VAL B 75 -11.70 19.12 16.56
N LYS B 76 -10.77 19.03 17.50
CA LYS B 76 -11.00 18.35 18.76
C LYS B 76 -12.23 18.84 19.55
N LYS B 77 -12.41 20.18 19.68
CA LYS B 77 -13.61 20.75 20.32
C LYS B 77 -14.90 20.21 19.71
N ILE B 78 -15.04 20.35 18.40
CA ILE B 78 -16.20 19.90 17.64
C ILE B 78 -16.45 18.38 17.84
N LEU B 79 -15.43 17.57 17.67
CA LEU B 79 -15.56 16.12 17.80
C LEU B 79 -15.87 15.68 19.23
N SER B 80 -15.46 16.48 20.22
CA SER B 80 -15.74 16.17 21.62
C SER B 80 -17.25 16.21 21.92
N LYS B 81 -18.01 16.80 21.02
CA LYS B 81 -19.46 16.90 21.10
C LYS B 81 -20.17 15.87 20.25
N ALA B 82 -19.41 14.98 19.59
CA ALA B 82 -20.00 13.98 18.70
C ALA B 82 -20.95 13.03 19.46
N SER B 83 -22.11 12.81 18.84
CA SER B 83 -23.18 12.06 19.42
C SER B 83 -24.00 11.46 18.29
N SER B 84 -24.56 10.30 18.61
CA SER B 84 -25.49 9.53 17.81
C SER B 84 -26.98 10.02 17.95
N LYS B 85 -27.29 10.80 18.98
CA LYS B 85 -28.67 11.32 19.17
C LYS B 85 -29.21 12.03 17.92
N LYS B 86 -30.51 11.94 17.66
CA LYS B 86 -31.15 12.79 16.66
C LYS B 86 -31.03 14.27 17.05
N ALA B 87 -30.34 15.01 16.20
CA ALA B 87 -30.15 16.41 16.45
C ALA B 87 -29.94 17.14 15.15
N THR B 88 -30.05 18.45 15.27
CA THR B 88 -29.86 19.41 14.22
C THR B 88 -28.56 20.18 14.52
N ILE B 89 -27.84 20.66 13.50
CA ILE B 89 -26.70 21.57 13.75
C ILE B 89 -26.87 22.91 13.04
N GLU B 90 -26.85 23.98 13.83
CA GLU B 90 -26.81 25.33 13.28
C GLU B 90 -25.38 25.88 13.34
N LEU B 91 -24.81 26.15 12.16
CA LEU B 91 -23.48 26.70 12.06
C LEU B 91 -23.59 28.15 11.58
N THR B 92 -23.03 29.09 12.34
CA THR B 92 -23.05 30.52 11.99
C THR B 92 -21.67 31.12 12.22
N GLU B 93 -21.31 32.12 11.32
CA GLU B 93 -20.05 32.80 11.56
C GLU B 93 -20.13 33.81 12.75
N THR B 94 -19.03 33.87 13.51
CA THR B 94 -18.80 34.92 14.50
C THR B 94 -17.59 35.78 14.05
N ASP B 95 -17.25 36.79 14.84
CA ASP B 95 -16.12 37.68 14.54
C ASP B 95 -14.78 36.92 14.55
N SER B 96 -14.68 35.91 15.39
CA SER B 96 -13.42 35.23 15.56
C SER B 96 -13.37 33.83 14.97
N GLY B 97 -14.50 33.36 14.45
CA GLY B 97 -14.57 32.04 13.86
C GLY B 97 -16.01 31.62 13.63
N LEU B 98 -16.41 30.55 14.34
CA LEU B 98 -17.73 29.94 14.20
C LEU B 98 -18.45 29.70 15.54
N LYS B 99 -19.79 29.67 15.49
CA LYS B 99 -20.66 29.16 16.54
C LYS B 99 -21.37 27.94 16.00
N ILE B 100 -21.39 26.85 16.77
CA ILE B 100 -22.10 25.65 16.41
C ILE B 100 -23.13 25.32 17.47
N ILE B 101 -24.41 25.29 17.10
CA ILE B 101 -25.47 24.91 18.03
C ILE B 101 -26.01 23.54 17.63
N ILE B 102 -26.05 22.63 18.58
CA ILE B 102 -26.60 21.29 18.38
C ILE B 102 -27.96 21.19 19.10
N ARG B 103 -29.01 20.89 18.35
CA ARG B 103 -30.37 20.89 18.86
C ARG B 103 -30.96 19.47 18.86
N ASP B 104 -30.97 18.83 20.03
CA ASP B 104 -31.65 17.54 20.21
C ASP B 104 -33.08 17.56 19.70
N GLU B 105 -33.43 16.59 18.82
CA GLU B 105 -34.76 16.64 18.21
C GLU B 105 -35.86 16.16 19.14
N LYS B 106 -35.63 15.03 19.80
CA LYS B 106 -36.56 14.55 20.79
C LYS B 106 -36.16 15.16 22.11
N SER B 107 -36.99 16.07 22.62
CA SER B 107 -36.73 16.74 23.88
C SER B 107 -35.24 16.73 24.20
N GLY B 108 -34.55 17.81 23.81
CA GLY B 108 -35.18 18.91 23.13
C GLY B 108 -34.44 20.21 23.31
N ALA B 109 -33.39 20.17 24.13
CA ALA B 109 -32.59 21.36 24.40
C ALA B 109 -31.54 21.58 23.31
N LYS B 110 -30.50 22.33 23.64
CA LYS B 110 -29.43 22.63 22.68
C LYS B 110 -28.14 23.02 23.40
N SER B 111 -27.01 22.71 22.77
CA SER B 111 -25.70 23.03 23.35
C SER B 111 -24.79 23.73 22.31
N THR B 112 -23.87 24.63 22.79
CA THR B 112 -23.11 25.48 21.89
C THR B 112 -21.60 25.30 22.06
N ILE B 113 -20.94 25.44 20.91
CA ILE B 113 -19.46 25.54 20.97
C ILE B 113 -19.07 26.80 20.23
N TYR B 114 -18.03 27.48 20.71
CA TYR B 114 -17.44 28.60 19.97
C TYR B 114 -16.04 28.27 19.49
N ILE B 115 -15.83 28.43 18.19
CA ILE B 115 -14.60 28.01 17.53
C ILE B 115 -13.82 29.22 17.02
N LYS B 116 -12.59 29.38 17.49
CA LYS B 116 -11.69 30.41 16.94
C LYS B 116 -11.05 29.87 15.66
N ALA B 117 -11.19 30.62 14.56
CA ALA B 117 -10.95 30.08 13.22
C ALA B 117 -10.66 31.21 12.23
N GLU B 118 -9.56 31.06 11.50
CA GLU B 118 -9.16 31.99 10.46
C GLU B 118 -10.13 31.92 9.29
N LYS B 119 -10.45 33.08 8.74
CA LYS B 119 -11.34 33.09 7.60
C LYS B 119 -10.66 33.30 6.26
N GLY B 120 -11.21 32.62 5.26
CA GLY B 120 -11.62 33.38 4.03
C GLY B 120 -10.92 33.04 2.76
N GLN B 121 -11.67 33.09 1.67
CA GLN B 121 -11.16 32.81 0.29
C GLN B 121 -11.24 31.32 -0.01
N VAL B 122 -12.22 30.99 -0.85
CA VAL B 122 -12.47 29.61 -1.25
CA VAL B 122 -12.47 29.60 -1.26
C VAL B 122 -11.46 29.18 -2.32
N GLU B 123 -10.81 28.04 -2.11
CA GLU B 123 -9.90 27.51 -3.12
C GLU B 123 -10.72 26.49 -3.89
N GLN B 124 -10.51 26.38 -5.20
CA GLN B 124 -11.35 25.49 -6.02
C GLN B 124 -11.08 24.02 -5.73
N LEU B 125 -12.16 23.26 -5.82
CA LEU B 125 -12.17 21.83 -5.60
C LEU B 125 -11.56 21.12 -6.83
N THR B 126 -10.34 20.62 -6.69
CA THR B 126 -9.74 19.86 -7.79
C THR B 126 -9.54 18.37 -7.49
N GLU B 127 -10.13 17.52 -8.32
CA GLU B 127 -10.04 16.05 -8.22
C GLU B 127 -9.30 15.50 -9.42
N PRO B 128 -8.83 14.23 -9.35
CA PRO B 128 -8.36 13.60 -10.57
C PRO B 128 -9.44 13.69 -11.66
N LYS B 129 -9.00 14.07 -12.86
CA LYS B 129 -9.85 13.99 -14.04
C LYS B 129 -9.40 12.74 -14.80
N VAL B 130 -10.14 11.67 -14.58
CA VAL B 130 -9.72 10.34 -14.92
C VAL B 130 -10.95 9.50 -15.30
N ASN B 131 -10.82 8.59 -16.27
CA ASN B 131 -11.92 7.67 -16.62
C ASN B 131 -11.72 6.30 -15.97
N LEU B 132 -12.65 5.89 -15.09
CA LEU B 132 -12.44 4.68 -14.28
C LEU B 132 -13.26 3.51 -14.79
N ALA B 133 -12.53 2.48 -15.21
CA ALA B 133 -13.05 1.39 -16.02
C ALA B 133 -13.83 0.31 -15.23
N VAL B 134 -13.50 0.20 -13.96
CA VAL B 134 -14.07 -0.80 -13.08
C VAL B 134 -14.76 -0.12 -11.88
N ASN B 135 -15.98 -0.56 -11.55
CA ASN B 135 -16.72 -0.01 -10.40
C ASN B 135 -17.31 -1.16 -9.66
N PHE B 136 -17.29 -1.13 -8.34
CA PHE B 136 -18.09 -2.11 -7.63
C PHE B 136 -18.67 -1.54 -6.35
N THR B 137 -19.78 -2.12 -5.90
CA THR B 137 -20.42 -1.63 -4.68
C THR B 137 -20.36 -2.70 -3.62
N THR B 138 -19.98 -2.27 -2.43
CA THR B 138 -19.90 -3.16 -1.31
C THR B 138 -20.18 -2.33 -0.06
N ASP B 139 -19.81 -2.81 1.12
CA ASP B 139 -19.98 -1.99 2.32
C ASP B 139 -18.69 -1.99 3.15
N GLU B 140 -18.72 -1.17 4.19
CA GLU B 140 -17.59 -0.91 5.05
C GLU B 140 -17.08 -2.21 5.73
N SER B 141 -17.97 -3.12 6.12
CA SER B 141 -17.53 -4.34 6.77
C SER B 141 -16.61 -5.15 5.86
N VAL B 142 -17.00 -5.32 4.59
CA VAL B 142 -16.16 -6.06 3.64
C VAL B 142 -14.81 -5.35 3.48
N LEU B 143 -14.83 -4.02 3.36
CA LEU B 143 -13.58 -3.29 3.05
C LEU B 143 -12.66 -3.34 4.23
N ASN B 144 -13.24 -3.39 5.44
CA ASN B 144 -12.46 -3.51 6.65
C ASN B 144 -11.76 -4.87 6.78
N VAL B 145 -12.46 -5.93 6.38
CA VAL B 145 -11.83 -7.24 6.27
C VAL B 145 -10.59 -7.18 5.36
N ILE B 146 -10.80 -6.68 4.12
N ILE B 146 -10.76 -6.71 4.11
CA ILE B 146 -9.76 -6.52 3.09
CA ILE B 146 -9.65 -6.63 3.15
C ILE B 146 -8.57 -5.72 3.59
C ILE B 146 -8.52 -5.76 3.70
N ALA B 147 -8.87 -4.57 4.21
CA ALA B 147 -7.86 -3.65 4.74
C ALA B 147 -7.05 -4.32 5.85
N ALA B 148 -7.71 -5.01 6.76
CA ALA B 148 -6.97 -5.73 7.81
C ALA B 148 -6.13 -6.86 7.21
N ASP B 149 -6.67 -7.57 6.24
CA ASP B 149 -5.94 -8.68 5.62
C ASP B 149 -4.68 -8.18 4.87
N VAL B 150 -4.85 -7.16 4.03
CA VAL B 150 -3.72 -6.67 3.21
C VAL B 150 -2.63 -6.11 4.07
N THR B 151 -3.05 -5.43 5.13
CA THR B 151 -2.16 -4.67 5.94
CA THR B 151 -2.08 -4.72 5.94
C THR B 151 -1.34 -5.65 6.81
N LEU B 152 -1.93 -6.80 7.16
CA LEU B 152 -1.20 -7.87 7.86
C LEU B 152 -0.04 -8.45 6.98
N VAL B 153 -0.27 -8.47 5.67
CA VAL B 153 0.62 -9.23 4.77
C VAL B 153 1.61 -8.33 3.99
N GLY B 154 1.21 -7.14 3.57
CA GLY B 154 2.14 -6.31 2.79
C GLY B 154 1.92 -4.81 2.87
N GLU B 155 2.89 -4.06 2.32
CA GLU B 155 2.94 -2.60 2.40
C GLU B 155 2.08 -2.14 1.21
N GLU B 156 1.98 -3.00 0.18
CA GLU B 156 1.33 -2.58 -1.07
C GLU B 156 0.26 -3.61 -1.45
N MET B 157 -0.86 -3.14 -2.02
CA MET B 157 -1.85 -4.08 -2.47
C MET B 157 -2.08 -3.88 -3.96
N ARG B 158 -2.48 -4.93 -4.66
CA ARG B 158 -2.79 -4.84 -6.07
C ARG B 158 -4.22 -5.29 -6.21
N ILE B 159 -5.02 -4.56 -6.96
CA ILE B 159 -6.39 -4.92 -7.26
C ILE B 159 -6.49 -5.04 -8.79
N SER B 160 -7.11 -6.14 -9.24
CA SER B 160 -7.29 -6.34 -10.69
C SER B 160 -8.62 -7.03 -11.00
N THR B 161 -8.97 -7.09 -12.28
CA THR B 161 -10.14 -7.82 -12.71
C THR B 161 -9.67 -9.15 -13.22
N GLU B 162 -10.45 -10.20 -12.99
CA GLU B 162 -10.10 -11.51 -13.52
C GLU B 162 -11.41 -12.19 -13.81
N GLU B 163 -11.75 -12.22 -15.09
CA GLU B 163 -13.02 -12.75 -15.57
C GLU B 163 -14.12 -11.89 -14.96
N ASP B 164 -15.01 -12.47 -14.17
CA ASP B 164 -16.05 -11.64 -13.59
C ASP B 164 -15.91 -11.46 -12.09
N LYS B 165 -14.66 -11.36 -11.66
CA LYS B 165 -14.33 -11.12 -10.27
C LYS B 165 -13.27 -10.03 -10.08
N ILE B 166 -13.25 -9.47 -8.89
CA ILE B 166 -12.18 -8.62 -8.48
C ILE B 166 -11.20 -9.44 -7.69
N LYS B 167 -9.92 -9.27 -7.98
CA LYS B 167 -8.84 -9.96 -7.28
C LYS B 167 -8.01 -8.94 -6.51
N ILE B 168 -7.77 -9.23 -5.24
CA ILE B 168 -6.97 -8.38 -4.36
C ILE B 168 -5.80 -9.21 -3.91
N GLU B 169 -4.59 -8.69 -4.11
CA GLU B 169 -3.36 -9.37 -3.77
CA GLU B 169 -3.39 -9.38 -3.72
C GLU B 169 -2.45 -8.47 -2.92
N ALA B 170 -1.69 -9.07 -2.03
CA ALA B 170 -0.66 -8.34 -1.28
C ALA B 170 0.36 -9.37 -0.92
N GLY B 171 1.60 -8.95 -0.66
CA GLY B 171 2.58 -9.88 -0.21
C GLY B 171 3.98 -9.33 -0.09
N GLU B 172 4.81 -10.07 0.63
CA GLU B 172 6.20 -9.71 0.79
C GLU B 172 6.91 -11.02 0.66
N GLU B 173 7.79 -11.11 -0.34
CA GLU B 173 8.61 -12.29 -0.60
C GLU B 173 7.71 -13.56 -0.58
N GLY B 174 8.05 -14.62 0.08
CA GLY B 174 6.98 -15.69 -0.12
C GLY B 174 5.51 -15.44 0.35
N LYS B 175 5.34 -14.46 1.22
CA LYS B 175 4.19 -14.45 2.15
C LYS B 175 3.07 -13.59 1.62
N ARG B 176 1.98 -14.20 1.16
CA ARG B 176 1.08 -13.57 0.24
C ARG B 176 -0.34 -13.74 0.70
N TYR B 177 -1.22 -12.92 0.15
CA TYR B 177 -2.64 -12.94 0.38
C TYR B 177 -3.30 -12.78 -0.97
N VAL B 178 -4.38 -13.52 -1.22
N VAL B 178 -4.39 -13.52 -1.20
CA VAL B 178 -5.24 -13.27 -2.40
CA VAL B 178 -5.26 -13.28 -2.34
C VAL B 178 -6.72 -13.46 -2.09
C VAL B 178 -6.72 -13.36 -1.91
N ALA B 179 -7.54 -12.47 -2.43
CA ALA B 179 -8.99 -12.57 -2.25
C ALA B 179 -9.67 -12.34 -3.58
N PHE B 180 -10.83 -12.98 -3.73
CA PHE B 180 -11.72 -12.79 -4.90
C PHE B 180 -13.08 -12.28 -4.47
N LEU B 181 -13.50 -11.18 -5.07
CA LEU B 181 -14.81 -10.64 -4.86
C LEU B 181 -15.65 -10.73 -6.14
N MET B 182 -16.89 -11.19 -6.04
CA MET B 182 -17.77 -11.21 -7.22
C MET B 182 -19.17 -10.78 -6.85
N LYS B 183 -20.02 -10.63 -7.87
CA LYS B 183 -21.40 -10.24 -7.68
C LYS B 183 -22.04 -11.26 -6.75
N ASP B 184 -22.62 -10.76 -5.67
CA ASP B 184 -23.35 -11.56 -4.68
C ASP B 184 -22.47 -12.40 -3.76
N LYS B 185 -21.15 -12.33 -3.94
CA LYS B 185 -20.16 -12.98 -3.07
C LYS B 185 -18.89 -12.14 -3.05
N PRO B 186 -18.91 -10.98 -2.35
CA PRO B 186 -19.99 -10.47 -1.57
C PRO B 186 -20.62 -9.24 -2.22
N LEU B 187 -20.19 -8.89 -3.43
CA LEU B 187 -20.48 -7.57 -4.01
C LEU B 187 -21.96 -7.35 -4.29
N LYS B 188 -22.42 -6.15 -3.98
CA LYS B 188 -23.76 -5.70 -4.24
C LYS B 188 -23.89 -5.40 -5.73
N GLU B 189 -22.85 -4.78 -6.31
CA GLU B 189 -22.83 -4.49 -7.74
C GLU B 189 -21.40 -4.61 -8.25
N LEU B 190 -21.28 -4.85 -9.55
CA LEU B 190 -19.96 -5.01 -10.17
C LEU B 190 -20.07 -4.69 -11.66
N SER B 191 -19.31 -3.69 -12.07
CA SER B 191 -19.26 -3.23 -13.43
C SER B 191 -17.82 -3.27 -13.92
N ILE B 192 -17.51 -4.16 -14.87
CA ILE B 192 -16.15 -4.19 -15.43
C ILE B 192 -16.25 -3.82 -16.92
N ASP B 193 -15.88 -2.56 -17.25
CA ASP B 193 -15.93 -2.02 -18.64
C ASP B 193 -14.83 -2.62 -19.45
N THR B 194 -13.63 -2.63 -18.86
CA THR B 194 -12.43 -3.10 -19.53
C THR B 194 -11.59 -3.71 -18.42
N SER B 195 -10.72 -4.66 -18.75
CA SER B 195 -9.90 -5.25 -17.73
C SER B 195 -8.81 -4.28 -17.24
N ALA B 196 -8.55 -4.33 -15.94
CA ALA B 196 -7.70 -3.32 -15.30
C ALA B 196 -7.04 -3.83 -14.03
N SER B 197 -5.84 -3.32 -13.77
CA SER B 197 -5.15 -3.50 -12.49
C SER B 197 -4.32 -2.26 -12.12
N SER B 198 -4.16 -2.07 -10.80
CA SER B 198 -3.37 -0.98 -10.23
C SER B 198 -2.90 -1.41 -8.87
N SER B 199 -1.84 -0.78 -8.40
CA SER B 199 -1.32 -1.06 -7.05
C SER B 199 -1.33 0.19 -6.21
N TYR B 200 -1.58 0.00 -4.91
CA TYR B 200 -1.80 1.08 -3.96
C TYR B 200 -1.11 0.80 -2.63
N SER B 201 -0.77 1.87 -1.94
CA SER B 201 -0.40 1.78 -0.54
C SER B 201 -1.51 1.13 0.27
N ALA B 202 -1.22 0.02 0.92
CA ALA B 202 -2.18 -0.65 1.78
C ALA B 202 -2.59 0.24 2.98
N GLU B 203 -1.65 1.03 3.52
CA GLU B 203 -1.90 1.96 4.64
CA GLU B 203 -1.96 1.91 4.63
C GLU B 203 -2.87 3.07 4.23
N MET B 204 -2.66 3.63 3.05
CA MET B 204 -3.57 4.65 2.53
C MET B 204 -4.96 4.04 2.27
N PHE B 205 -5.00 2.80 1.77
CA PHE B 205 -6.29 2.15 1.55
C PHE B 205 -7.00 1.97 2.91
N LYS B 206 -6.27 1.50 3.90
CA LYS B 206 -6.81 1.34 5.24
C LYS B 206 -7.34 2.67 5.84
N ASP B 207 -6.59 3.75 5.63
CA ASP B 207 -7.02 5.10 6.10
C ASP B 207 -8.32 5.56 5.42
N ALA B 208 -8.43 5.38 4.11
CA ALA B 208 -9.68 5.67 3.40
C ALA B 208 -10.82 4.85 3.97
N VAL B 209 -10.58 3.57 4.20
CA VAL B 209 -11.59 2.68 4.77
C VAL B 209 -12.05 3.11 6.17
N LYS B 210 -11.11 3.52 7.04
CA LYS B 210 -11.48 4.13 8.32
C LYS B 210 -12.40 5.35 8.12
N GLY B 211 -12.19 6.10 7.06
CA GLY B 211 -13.03 7.23 6.73
C GLY B 211 -14.47 6.92 6.28
N LEU B 212 -14.82 5.64 6.15
CA LEU B 212 -16.21 5.23 5.85
C LEU B 212 -17.05 5.03 7.10
N ARG B 213 -16.44 5.16 8.27
N ARG B 213 -16.43 5.16 8.26
CA ARG B 213 -17.15 4.86 9.52
CA ARG B 213 -17.11 4.89 9.50
C ARG B 213 -18.29 5.84 9.77
C ARG B 213 -18.28 5.85 9.77
N GLY B 214 -19.40 5.29 10.25
CA GLY B 214 -20.59 6.09 10.61
C GLY B 214 -21.62 6.22 9.50
N PHE B 215 -21.19 5.95 8.28
CA PHE B 215 -22.07 5.98 7.13
C PHE B 215 -22.67 4.59 6.93
N SER B 216 -24.00 4.49 6.85
CA SER B 216 -24.57 3.16 6.54
C SER B 216 -24.63 2.83 5.05
N ALA B 217 -24.72 3.83 4.18
CA ALA B 217 -24.92 3.57 2.77
C ALA B 217 -23.87 2.59 2.24
N PRO B 218 -24.21 1.82 1.19
CA PRO B 218 -23.23 1.08 0.40
C PRO B 218 -22.04 1.97 -0.06
N THR B 219 -20.86 1.40 -0.12
CA THR B 219 -19.68 2.14 -0.61
C THR B 219 -19.30 1.72 -2.04
N MET B 220 -19.05 2.69 -2.90
CA MET B 220 -18.62 2.43 -4.26
C MET B 220 -17.12 2.63 -4.37
N VAL B 221 -16.44 1.66 -4.98
CA VAL B 221 -15.01 1.69 -5.26
C VAL B 221 -14.87 1.66 -6.79
N SER B 222 -13.99 2.50 -7.31
CA SER B 222 -13.74 2.55 -8.74
C SER B 222 -12.24 2.61 -8.92
N PHE B 223 -11.72 1.97 -9.95
CA PHE B 223 -10.29 2.05 -10.28
C PHE B 223 -10.13 1.78 -11.79
N GLY B 224 -8.92 1.99 -12.28
CA GLY B 224 -8.60 1.76 -13.69
C GLY B 224 -7.19 1.27 -13.78
N GLU B 225 -6.73 1.02 -15.01
CA GLU B 225 -5.36 0.52 -15.22
C GLU B 225 -4.31 1.58 -14.84
N ASN B 226 -3.58 1.34 -13.75
CA ASN B 226 -2.60 2.34 -13.26
C ASN B 226 -3.18 3.73 -13.03
N LEU B 227 -4.38 3.77 -12.47
CA LEU B 227 -5.04 5.06 -12.25
C LEU B 227 -5.40 5.15 -10.77
N PRO B 228 -5.70 6.38 -10.28
CA PRO B 228 -6.20 6.50 -8.91
C PRO B 228 -7.44 5.62 -8.59
N MET B 229 -7.54 5.19 -7.33
CA MET B 229 -8.75 4.52 -6.84
C MET B 229 -9.62 5.57 -6.22
N LYS B 230 -10.92 5.48 -6.51
CA LYS B 230 -11.93 6.38 -5.92
C LYS B 230 -12.81 5.54 -5.00
N ILE B 231 -13.06 6.06 -3.81
CA ILE B 231 -13.94 5.41 -2.83
C ILE B 231 -14.98 6.46 -2.39
N ASP B 232 -16.25 6.14 -2.55
CA ASP B 232 -17.32 7.15 -2.46
C ASP B 232 -18.46 6.53 -1.64
N VAL B 233 -18.93 7.24 -0.60
CA VAL B 233 -20.07 6.81 0.20
C VAL B 233 -20.99 8.01 0.36
N GLU B 234 -22.29 7.80 0.16
CA GLU B 234 -23.27 8.88 0.29
C GLU B 234 -23.91 8.79 1.67
N ALA B 235 -23.93 9.92 2.40
CA ALA B 235 -24.49 9.94 3.73
C ALA B 235 -25.99 9.81 3.60
N VAL B 236 -26.61 9.17 4.61
CA VAL B 236 -28.09 9.04 4.70
C VAL B 236 -28.82 10.37 4.53
N SER B 237 -28.28 11.46 5.09
CA SER B 237 -28.97 12.78 5.07
C SER B 237 -28.56 13.57 3.84
N GLY B 238 -27.68 13.01 3.01
CA GLY B 238 -27.24 13.72 1.81
C GLY B 238 -25.78 14.16 1.83
N GLY B 239 -25.23 14.36 0.64
CA GLY B 239 -23.80 14.62 0.51
C GLY B 239 -22.90 13.41 0.56
N HIS B 240 -21.69 13.55 -0.01
CA HIS B 240 -20.75 12.44 -0.18
C HIS B 240 -19.42 12.66 0.54
N MET B 241 -18.84 11.53 0.98
CA MET B 241 -17.47 11.49 1.43
CA MET B 241 -17.47 11.46 1.45
C MET B 241 -16.72 10.69 0.37
N ILE B 242 -15.64 11.27 -0.17
CA ILE B 242 -14.92 10.62 -1.25
C ILE B 242 -13.44 10.58 -0.89
N PHE B 243 -12.78 9.45 -1.15
CA PHE B 243 -11.36 9.39 -1.03
C PHE B 243 -10.80 9.00 -2.39
N TRP B 244 -9.68 9.61 -2.74
CA TRP B 244 -8.90 9.24 -3.91
C TRP B 244 -7.53 8.73 -3.41
N ILE B 245 -7.03 7.68 -4.05
CA ILE B 245 -5.71 7.09 -3.73
C ILE B 245 -4.89 6.96 -4.98
N ALA B 246 -3.71 7.57 -5.00
CA ALA B 246 -2.85 7.56 -6.18
C ALA B 246 -2.27 6.17 -6.33
N PRO B 247 -2.05 5.73 -7.58
CA PRO B 247 -1.49 4.41 -7.81
C PRO B 247 0.02 4.39 -7.60
N ARG B 248 0.58 3.18 -7.44
CA ARG B 248 2.03 2.92 -7.56
C ARG B 248 2.33 2.64 -9.03
N LEU B 249 3.28 3.35 -9.60
CA LEU B 249 3.63 3.09 -10.99
C LEU B 249 4.93 2.31 -11.13
N MET C 1 1.79 -32.95 -1.69
N MET C 1 1.82 -32.79 -1.32
CA MET C 1 0.56 -32.11 -1.71
CA MET C 1 0.57 -32.06 -1.68
C MET C 1 -0.52 -32.69 -0.78
C MET C 1 -0.62 -32.61 -0.91
N MET C 2 -1.09 -31.85 0.07
CA MET C 2 -2.16 -32.30 0.94
C MET C 2 -3.24 -31.26 1.01
N LYS C 3 -4.36 -31.67 1.58
CA LYS C 3 -5.50 -30.79 1.70
C LYS C 3 -6.37 -31.29 2.81
N ALA C 4 -6.86 -30.37 3.65
CA ALA C 4 -7.73 -30.73 4.78
C ALA C 4 -8.60 -29.58 5.17
N LYS C 5 -9.88 -29.85 5.23
CA LYS C 5 -10.79 -28.87 5.72
C LYS C 5 -10.94 -29.12 7.22
N VAL C 6 -10.84 -28.05 8.00
CA VAL C 6 -10.85 -28.13 9.45
C VAL C 6 -12.31 -28.03 9.86
N ILE C 7 -12.80 -29.02 10.62
CA ILE C 7 -14.21 -28.98 10.96
C ILE C 7 -14.45 -27.96 12.07
N ASP C 8 -13.53 -27.84 13.03
CA ASP C 8 -13.67 -26.80 14.10
C ASP C 8 -12.53 -25.81 14.07
N ALA C 9 -12.70 -24.71 13.37
CA ALA C 9 -11.54 -23.83 13.18
C ALA C 9 -11.08 -23.17 14.52
N VAL C 10 -11.99 -23.06 15.48
CA VAL C 10 -11.70 -22.34 16.75
C VAL C 10 -10.82 -23.24 17.62
N SER C 11 -11.24 -24.50 17.75
CA SER C 11 -10.44 -25.48 18.44
C SER C 11 -9.06 -25.55 17.80
N PHE C 12 -9.01 -25.57 16.46
CA PHE C 12 -7.76 -25.64 15.74
C PHE C 12 -6.86 -24.45 16.11
N SER C 13 -7.43 -23.25 16.09
CA SER C 13 -6.63 -22.05 16.40
CA SER C 13 -6.69 -22.01 16.43
C SER C 13 -6.13 -21.96 17.85
N TYR C 14 -6.90 -22.51 18.81
CA TYR C 14 -6.48 -22.49 20.23
C TYR C 14 -5.38 -23.51 20.50
N ILE C 15 -5.44 -24.62 19.76
CA ILE C 15 -4.40 -25.63 19.84
C ILE C 15 -3.07 -24.97 19.39
N LEU C 16 -3.07 -24.34 18.21
CA LEU C 16 -1.88 -23.69 17.66
C LEU C 16 -1.36 -22.48 18.48
N ARG C 17 -2.26 -21.74 19.12
CA ARG C 17 -1.82 -20.70 20.11
C ARG C 17 -1.11 -21.35 21.28
N THR C 18 -1.62 -22.46 21.78
CA THR C 18 -0.94 -23.16 22.88
C THR C 18 0.44 -23.66 22.47
N VAL C 19 0.50 -24.29 21.29
CA VAL C 19 1.77 -24.75 20.74
C VAL C 19 2.73 -23.57 20.68
N GLY C 20 2.23 -22.46 20.17
CA GLY C 20 3.04 -21.26 20.03
C GLY C 20 3.53 -20.63 21.33
N ASP C 21 2.98 -20.96 22.49
CA ASP C 21 3.55 -20.44 23.74
C ASP C 21 4.88 -21.14 24.03
N PHE C 22 5.09 -22.29 23.39
CA PHE C 22 6.27 -23.14 23.66
C PHE C 22 7.24 -23.19 22.49
N LEU C 23 6.69 -23.15 21.28
CA LEU C 23 7.49 -23.31 20.06
C LEU C 23 7.41 -22.08 19.15
N SER C 24 8.56 -21.69 18.59
CA SER C 24 8.66 -20.60 17.64
C SER C 24 8.30 -21.09 16.24
N GLU C 25 8.71 -22.32 15.99
CA GLU C 25 8.50 -22.99 14.71
C GLU C 25 8.34 -24.48 14.98
N ALA C 26 7.68 -25.14 14.02
CA ALA C 26 7.34 -26.57 14.13
C ALA C 26 7.13 -27.18 12.72
N ASN C 27 7.03 -28.50 12.66
CA ASN C 27 6.64 -29.20 11.44
C ASN C 27 5.27 -29.77 11.68
N PHE C 28 4.34 -29.51 10.77
CA PHE C 28 3.18 -30.41 10.60
C PHE C 28 3.75 -31.66 9.93
N ILE C 29 3.56 -32.81 10.60
CA ILE C 29 3.90 -34.08 10.03
C ILE C 29 2.59 -34.70 9.50
N VAL C 30 2.46 -34.78 8.19
CA VAL C 30 1.18 -35.19 7.63
C VAL C 30 1.24 -36.59 6.98
N THR C 31 0.36 -37.48 7.42
CA THR C 31 0.26 -38.85 6.90
C THR C 31 -1.24 -39.15 6.71
N LYS C 32 -1.60 -40.31 6.20
CA LYS C 32 -3.04 -40.57 5.98
C LYS C 32 -3.76 -40.66 7.36
N GLU C 33 -3.03 -41.00 8.40
CA GLU C 33 -3.57 -41.07 9.78
C GLU C 33 -4.06 -39.72 10.25
N GLY C 34 -3.42 -38.65 9.77
CA GLY C 34 -3.71 -37.30 10.28
C GLY C 34 -2.47 -36.45 10.36
N ILE C 35 -2.51 -35.45 11.25
CA ILE C 35 -1.42 -34.47 11.40
C ILE C 35 -0.83 -34.44 12.82
N ARG C 36 0.48 -34.59 12.91
CA ARG C 36 1.21 -34.56 14.17
C ARG C 36 2.16 -33.35 14.25
N VAL C 37 2.26 -32.77 15.45
CA VAL C 37 3.18 -31.65 15.76
C VAL C 37 3.86 -31.99 17.07
N SER C 38 5.18 -32.08 17.08
CA SER C 38 5.92 -32.24 18.31
C SER C 38 7.14 -31.35 18.43
N GLY C 39 7.54 -31.06 19.68
CA GLY C 39 8.72 -30.28 19.95
C GLY C 39 8.98 -30.05 21.43
N ILE C 40 10.17 -29.51 21.71
CA ILE C 40 10.62 -29.16 23.04
C ILE C 40 10.82 -27.67 23.02
N ASP C 41 10.43 -26.99 24.10
CA ASP C 41 10.61 -25.53 24.15
C ASP C 41 12.11 -25.19 24.32
N PRO C 42 12.47 -23.89 24.18
CA PRO C 42 13.88 -23.48 24.31
C PRO C 42 14.49 -23.83 25.67
N SER C 43 13.73 -23.67 26.75
CA SER C 43 14.23 -24.00 28.08
C SER C 43 14.38 -25.50 28.31
N ARG C 44 13.80 -26.32 27.42
CA ARG C 44 13.84 -27.79 27.54
C ARG C 44 13.05 -28.28 28.76
N VAL C 45 12.10 -27.46 29.24
CA VAL C 45 11.24 -27.88 30.36
C VAL C 45 10.05 -28.70 29.81
N VAL C 46 9.56 -28.25 28.66
CA VAL C 46 8.34 -28.79 28.07
C VAL C 46 8.55 -29.50 26.74
N PHE C 47 8.08 -30.74 26.70
CA PHE C 47 7.92 -31.43 25.44
C PHE C 47 6.40 -31.54 25.15
N LEU C 48 6.00 -31.13 23.97
CA LEU C 48 4.62 -31.37 23.53
C LEU C 48 4.49 -32.28 22.29
N ASP C 49 3.29 -32.81 22.09
CA ASP C 49 3.03 -33.82 21.07
C ASP C 49 1.53 -33.83 20.77
N ILE C 50 1.16 -33.26 19.64
CA ILE C 50 -0.21 -33.13 19.27
C ILE C 50 -0.45 -34.13 18.13
N PHE C 51 -1.59 -34.84 18.20
CA PHE C 51 -2.07 -35.66 17.12
C PHE C 51 -3.50 -35.27 16.77
N LEU C 52 -3.69 -34.73 15.58
CA LEU C 52 -5.04 -34.55 14.99
C LEU C 52 -5.35 -35.64 13.92
N PRO C 53 -6.22 -36.63 14.25
CA PRO C 53 -6.45 -37.77 13.35
C PRO C 53 -7.24 -37.31 12.13
N SER C 54 -7.24 -38.10 11.04
CA SER C 54 -7.84 -37.61 9.78
C SER C 54 -9.30 -37.22 9.95
N SER C 55 -9.98 -37.92 10.84
CA SER C 55 -11.38 -37.70 11.19
C SER C 55 -11.65 -36.34 11.84
N TYR C 56 -10.59 -35.67 12.32
CA TYR C 56 -10.68 -34.34 12.88
C TYR C 56 -10.97 -33.37 11.76
N PHE C 57 -10.75 -33.80 10.52
CA PHE C 57 -10.87 -32.94 9.37
C PHE C 57 -11.95 -33.46 8.45
N GLU C 58 -12.33 -32.65 7.46
CA GLU C 58 -13.14 -33.16 6.35
C GLU C 58 -12.37 -33.16 5.03
N GLY C 59 -12.64 -34.14 4.20
CA GLY C 59 -12.00 -34.22 2.87
C GLY C 59 -10.48 -34.18 2.96
N PHE C 60 -9.93 -34.96 3.90
CA PHE C 60 -8.51 -34.99 4.22
C PHE C 60 -7.83 -35.74 3.06
N GLU C 61 -6.92 -35.08 2.34
CA GLU C 61 -6.26 -35.80 1.26
C GLU C 61 -4.76 -35.66 1.27
N VAL C 62 -4.08 -36.72 0.86
N VAL C 62 -4.06 -36.76 0.98
CA VAL C 62 -2.64 -36.84 1.00
CA VAL C 62 -2.61 -36.72 0.95
C VAL C 62 -2.11 -37.38 -0.35
C VAL C 62 -2.14 -37.25 -0.41
N SER C 63 -0.87 -37.04 -0.72
CA SER C 63 -0.27 -37.51 -1.99
C SER C 63 0.96 -38.41 -1.79
N GLN C 64 1.30 -38.67 -0.53
CA GLN C 64 2.65 -38.92 -0.08
C GLN C 64 2.42 -39.79 1.17
N GLU C 65 3.26 -40.76 1.50
CA GLU C 65 2.98 -41.39 2.81
C GLU C 65 3.38 -40.50 4.04
N LYS C 66 4.33 -39.59 3.85
CA LYS C 66 4.71 -38.63 4.88
C LYS C 66 5.15 -37.30 4.29
N GLU C 67 4.47 -36.23 4.71
CA GLU C 67 4.77 -34.86 4.23
C GLU C 67 5.08 -33.94 5.43
N ILE C 68 6.24 -33.30 5.40
CA ILE C 68 6.74 -32.56 6.53
C ILE C 68 6.62 -31.07 6.14
N ILE C 69 5.79 -30.34 6.88
CA ILE C 69 5.53 -28.93 6.56
C ILE C 69 6.05 -27.99 7.64
N GLY C 70 7.17 -27.32 7.39
CA GLY C 70 7.75 -26.45 8.43
C GLY C 70 7.09 -25.08 8.41
N PHE C 71 6.82 -24.54 9.60
CA PHE C 71 6.12 -23.26 9.70
C PHE C 71 6.47 -22.51 10.97
N LYS C 72 6.24 -21.20 10.91
CA LYS C 72 6.48 -20.33 12.04
C LYS C 72 5.16 -20.15 12.76
N LEU C 73 5.13 -20.46 14.05
CA LEU C 73 3.86 -20.39 14.82
C LEU C 73 3.16 -19.06 14.77
N GLU C 74 3.92 -17.99 14.99
CA GLU C 74 3.41 -16.65 14.90
C GLU C 74 2.77 -16.25 13.58
N ASP C 75 3.36 -16.67 12.44
CA ASP C 75 2.78 -16.41 11.13
C ASP C 75 1.45 -17.14 10.93
N VAL C 76 1.42 -18.43 11.26
CA VAL C 76 0.19 -19.20 11.18
C VAL C 76 -0.86 -18.61 12.15
N ASN C 77 -0.46 -18.31 13.38
CA ASN C 77 -1.40 -17.81 14.36
C ASN C 77 -1.95 -16.42 14.00
N ASP C 78 -1.12 -15.59 13.37
CA ASP C 78 -1.55 -14.26 12.86
C ASP C 78 -2.61 -14.37 11.80
N ILE C 79 -2.41 -15.32 10.91
CA ILE C 79 -3.36 -15.61 9.87
C ILE C 79 -4.66 -16.20 10.43
N LEU C 80 -4.54 -17.14 11.38
CA LEU C 80 -5.74 -17.75 11.96
C LEU C 80 -6.63 -16.73 12.68
N LYS C 81 -6.05 -15.67 13.21
CA LYS C 81 -6.83 -14.59 13.83
C LYS C 81 -7.70 -13.85 12.81
N ARG C 82 -7.46 -14.11 11.52
CA ARG C 82 -8.18 -13.42 10.43
C ARG C 82 -9.48 -14.16 10.05
N VAL C 83 -9.71 -15.32 10.69
CA VAL C 83 -10.95 -16.10 10.43
C VAL C 83 -12.21 -15.28 10.76
N LEU C 84 -13.22 -15.35 9.88
CA LEU C 84 -14.49 -14.68 10.08
C LEU C 84 -15.58 -15.67 10.62
N LYS C 85 -16.67 -15.11 11.14
CA LYS C 85 -17.76 -15.93 11.74
C LYS C 85 -18.18 -17.15 10.89
N ASP C 86 -18.53 -16.94 9.63
CA ASP C 86 -19.02 -18.07 8.84
C ASP C 86 -17.97 -18.78 7.94
N ASP C 87 -16.68 -18.67 8.29
CA ASP C 87 -15.64 -19.16 7.38
C ASP C 87 -15.42 -20.65 7.56
N THR C 88 -15.16 -21.33 6.45
CA THR C 88 -14.57 -22.65 6.56
C THR C 88 -13.08 -22.45 6.36
N LEU C 89 -12.29 -23.13 7.16
CA LEU C 89 -10.84 -23.11 6.97
C LEU C 89 -10.34 -24.37 6.26
N ILE C 90 -9.53 -24.19 5.22
CA ILE C 90 -8.96 -25.33 4.51
C ILE C 90 -7.44 -25.14 4.48
N LEU C 91 -6.72 -26.14 4.97
CA LEU C 91 -5.24 -26.14 4.98
C LEU C 91 -4.85 -26.88 3.71
N SER C 92 -3.83 -26.40 3.01
CA SER C 92 -3.31 -27.13 1.88
C SER C 92 -1.83 -26.83 1.72
N SER C 93 -1.13 -27.68 0.96
CA SER C 93 0.28 -27.48 0.77
C SER C 93 0.68 -28.03 -0.61
N ASN C 94 1.80 -27.55 -1.13
CA ASN C 94 2.46 -28.18 -2.27
C ASN C 94 3.95 -28.22 -1.95
N GLU C 95 4.80 -28.30 -2.96
CA GLU C 95 6.24 -28.41 -2.69
C GLU C 95 6.81 -27.12 -2.10
N SER C 96 6.11 -26.02 -2.27
CA SER C 96 6.77 -24.79 -1.95
C SER C 96 6.10 -23.95 -0.86
N LYS C 97 4.79 -24.13 -0.66
CA LYS C 97 3.97 -23.23 0.21
C LYS C 97 2.95 -24.01 1.02
N LEU C 98 2.70 -23.52 2.22
CA LEU C 98 1.52 -23.86 2.96
C LEU C 98 0.50 -22.77 2.66
N THR C 99 -0.75 -23.18 2.40
CA THR C 99 -1.85 -22.23 2.17
C THR C 99 -2.98 -22.44 3.21
N LEU C 100 -3.42 -21.33 3.80
CA LEU C 100 -4.64 -21.30 4.64
C LEU C 100 -5.69 -20.48 3.92
N THR C 101 -6.78 -21.14 3.55
CA THR C 101 -7.90 -20.55 2.82
C THR C 101 -9.16 -20.50 3.72
N PHE C 102 -9.76 -19.31 3.78
CA PHE C 102 -11.03 -19.05 4.45
C PHE C 102 -12.10 -18.89 3.39
N ASP C 103 -13.06 -19.81 3.40
CA ASP C 103 -14.13 -19.83 2.43
C ASP C 103 -15.42 -19.49 3.21
N GLY C 104 -16.03 -18.38 2.85
CA GLY C 104 -17.12 -17.84 3.67
C GLY C 104 -17.97 -16.96 2.79
N GLU C 105 -18.22 -15.74 3.23
CA GLU C 105 -19.00 -14.81 2.41
C GLU C 105 -18.23 -14.42 1.12
N PHE C 106 -16.91 -14.54 1.16
CA PHE C 106 -16.09 -14.63 -0.07
C PHE C 106 -14.80 -15.39 0.27
N THR C 107 -13.93 -15.60 -0.71
CA THR C 107 -12.78 -16.47 -0.53
C THR C 107 -11.49 -15.66 -0.38
N ARG C 108 -10.64 -16.05 0.58
CA ARG C 108 -9.42 -15.35 0.95
C ARG C 108 -8.38 -16.42 1.28
N SER C 109 -7.21 -16.43 0.66
CA SER C 109 -6.10 -17.34 1.08
C SER C 109 -4.87 -16.58 1.45
N PHE C 110 -4.16 -17.17 2.39
CA PHE C 110 -2.88 -16.66 2.84
C PHE C 110 -1.87 -17.77 2.58
N GLU C 111 -0.75 -17.43 1.95
CA GLU C 111 0.30 -18.42 1.66
C GLU C 111 1.52 -18.10 2.47
N LEU C 112 2.19 -19.13 2.93
CA LEU C 112 3.51 -19.04 3.59
C LEU C 112 4.44 -20.04 2.92
N PRO C 113 5.60 -19.57 2.39
CA PRO C 113 6.66 -20.48 1.92
C PRO C 113 7.05 -21.42 3.04
N LEU C 114 7.30 -22.67 2.71
CA LEU C 114 7.74 -23.64 3.72
C LEU C 114 9.08 -23.16 4.30
N ILE C 115 9.35 -23.46 5.57
CA ILE C 115 10.68 -23.22 6.12
CA ILE C 115 10.66 -23.20 6.15
C ILE C 115 11.24 -24.53 6.65
N GLN C 116 12.56 -24.63 6.69
CA GLN C 116 13.23 -25.82 7.17
C GLN C 116 13.25 -25.80 8.70
N VAL C 117 12.58 -26.74 9.32
CA VAL C 117 12.54 -26.83 10.78
C VAL C 117 13.15 -28.17 11.20
N GLU C 118 14.23 -28.12 11.97
CA GLU C 118 14.83 -29.38 12.42
C GLU C 118 13.79 -30.23 13.18
N SER C 119 13.67 -31.49 12.78
CA SER C 119 12.71 -32.43 13.37
C SER C 119 13.14 -32.83 14.79
N THR C 120 12.19 -33.34 15.58
CA THR C 120 12.43 -33.50 17.03
C THR C 120 11.81 -34.72 17.73
N GLN C 121 12.65 -35.44 18.48
CA GLN C 121 12.17 -36.40 19.52
C GLN C 121 12.89 -36.25 20.90
N PRO C 122 12.30 -36.83 21.98
CA PRO C 122 12.95 -36.90 23.30
C PRO C 122 14.32 -37.57 23.31
N LEU C 127 7.60 -44.72 29.43
CA LEU C 127 7.73 -44.19 30.79
C LEU C 127 6.37 -44.15 31.52
N GLU C 128 6.34 -44.59 32.77
CA GLU C 128 5.08 -44.58 33.54
C GLU C 128 5.13 -43.80 34.85
N PHE C 129 3.94 -43.43 35.31
CA PHE C 129 3.75 -42.42 36.35
C PHE C 129 3.08 -43.05 37.58
N PRO C 130 3.60 -42.72 38.77
CA PRO C 130 3.09 -43.31 40.00
C PRO C 130 1.63 -42.93 40.25
N PHE C 131 1.25 -41.74 39.79
CA PHE C 131 -0.12 -41.26 39.97
C PHE C 131 -0.77 -40.90 38.65
N LYS C 132 -2.06 -41.20 38.54
CA LYS C 132 -2.83 -40.89 37.34
C LYS C 132 -4.23 -40.40 37.74
N ALA C 133 -4.65 -39.28 37.15
CA ALA C 133 -6.01 -38.79 37.34
C ALA C 133 -6.68 -38.48 36.00
N GLN C 134 -8.00 -38.55 35.99
CA GLN C 134 -8.83 -38.10 34.86
C GLN C 134 -9.84 -37.06 35.38
N LEU C 135 -10.09 -36.02 34.56
CA LEU C 135 -10.95 -34.89 34.95
C LEU C 135 -11.45 -34.15 33.70
N LEU C 136 -12.53 -33.39 33.84
CA LEU C 136 -12.91 -32.44 32.78
C LEU C 136 -11.84 -31.36 32.61
N THR C 137 -11.62 -31.00 31.35
CA THR C 137 -10.66 -29.96 31.05
C THR C 137 -11.12 -28.59 31.54
N ILE C 138 -12.42 -28.33 31.51
CA ILE C 138 -12.94 -27.08 32.07
C ILE C 138 -12.65 -26.93 33.56
N THR C 139 -12.69 -28.04 34.28
CA THR C 139 -12.41 -28.04 35.74
C THR C 139 -10.96 -27.66 35.99
N PHE C 140 -10.05 -28.26 35.24
CA PHE C 140 -8.61 -27.95 35.35
C PHE C 140 -8.36 -26.46 35.02
N ALA C 141 -8.97 -25.99 33.94
CA ALA C 141 -8.73 -24.65 33.43
C ALA C 141 -9.23 -23.59 34.42
N ASP C 142 -10.42 -23.80 34.97
CA ASP C 142 -10.97 -22.90 36.01
C ASP C 142 -10.03 -22.80 37.23
N ILE C 143 -9.56 -23.95 37.71
CA ILE C 143 -8.69 -24.02 38.90
C ILE C 143 -7.34 -23.32 38.63
N ILE C 144 -6.70 -23.64 37.51
CA ILE C 144 -5.39 -23.06 37.16
C ILE C 144 -5.52 -21.58 36.88
N ASP C 145 -6.49 -21.15 36.08
CA ASP C 145 -6.64 -19.72 35.78
C ASP C 145 -6.66 -18.89 37.07
N GLU C 146 -7.30 -19.44 38.10
CA GLU C 146 -7.32 -18.83 39.43
C GLU C 146 -5.96 -18.85 40.15
N LEU C 147 -5.23 -19.96 40.06
CA LEU C 147 -3.97 -20.05 40.84
C LEU C 147 -2.78 -19.37 40.15
N SER C 148 -2.90 -19.20 38.84
CA SER C 148 -1.73 -18.87 38.01
C SER C 148 -1.13 -17.50 38.32
N ASP C 149 -1.94 -16.55 38.77
CA ASP C 149 -1.43 -15.22 39.15
C ASP C 149 -1.01 -15.08 40.61
N LEU C 150 -0.92 -16.18 41.35
CA LEU C 150 -0.54 -16.07 42.77
C LEU C 150 0.94 -16.39 42.98
N GLY C 151 1.56 -17.09 42.03
CA GLY C 151 2.97 -17.44 42.21
C GLY C 151 3.54 -18.09 40.98
N GLU C 152 4.84 -18.31 40.99
CA GLU C 152 5.51 -18.86 39.83
C GLU C 152 5.61 -20.37 39.88
N VAL C 153 5.12 -20.99 40.95
CA VAL C 153 5.32 -22.42 41.15
C VAL C 153 4.01 -23.06 41.61
N LEU C 154 3.61 -24.07 40.83
CA LEU C 154 2.51 -24.97 41.15
C LEU C 154 3.06 -26.19 41.87
N ASN C 155 2.61 -26.37 43.11
CA ASN C 155 2.91 -27.58 43.89
C ASN C 155 1.78 -28.56 43.76
N ILE C 156 2.11 -29.81 43.44
CA ILE C 156 1.07 -30.82 43.25
C ILE C 156 1.39 -31.99 44.14
N HIS C 157 0.41 -32.38 44.94
CA HIS C 157 0.55 -33.63 45.68
C HIS C 157 -0.73 -34.44 45.71
N SER C 158 -0.56 -35.74 46.00
CA SER C 158 -1.65 -36.68 46.14
C SER C 158 -1.54 -37.35 47.52
N LYS C 159 -2.69 -37.65 48.11
CA LYS C 159 -2.74 -38.34 49.38
C LYS C 159 -4.05 -39.10 49.38
N GLU C 160 -3.95 -40.42 49.56
CA GLU C 160 -5.11 -41.33 49.61
C GLU C 160 -6.12 -41.15 48.45
N ASN C 161 -5.46 -40.94 47.23
CA ASN C 161 -6.14 -40.79 45.94
C ASN C 161 -6.89 -39.46 45.75
N LYS C 162 -6.53 -38.50 46.60
CA LYS C 162 -6.94 -37.10 46.48
C LYS C 162 -5.76 -36.33 45.89
N LEU C 163 -6.06 -35.33 45.04
CA LEU C 163 -5.03 -34.49 44.44
C LEU C 163 -5.10 -33.08 45.00
N TYR C 164 -3.93 -32.52 45.29
CA TYR C 164 -3.85 -31.16 45.81
C TYR C 164 -2.96 -30.26 44.93
N PHE C 165 -3.52 -29.12 44.52
CA PHE C 165 -2.77 -28.01 43.91
C PHE C 165 -2.57 -26.93 44.98
N GLU C 166 -1.31 -26.56 45.24
CA GLU C 166 -0.93 -25.48 46.14
C GLU C 166 0.03 -24.48 45.47
N VAL C 167 -0.14 -23.20 45.82
CA VAL C 167 0.72 -22.11 45.35
C VAL C 167 1.02 -21.25 46.57
N ILE C 168 2.30 -20.97 46.79
CA ILE C 168 2.70 -19.96 47.76
C ILE C 168 3.57 -18.96 47.01
N GLY C 169 3.04 -17.77 46.81
CA GLY C 169 3.77 -16.75 46.09
C GLY C 169 4.37 -15.78 47.08
N ASP C 170 4.73 -14.61 46.60
CA ASP C 170 5.28 -13.57 47.41
C ASP C 170 4.28 -12.99 48.40
N LEU C 171 3.02 -12.91 47.98
CA LEU C 171 2.02 -12.22 48.79
C LEU C 171 0.90 -13.14 49.26
N SER C 172 0.46 -14.04 48.39
CA SER C 172 -0.73 -14.83 48.68
C SER C 172 -0.49 -16.30 48.43
N THR C 173 -1.45 -17.08 48.91
CA THR C 173 -1.42 -18.52 48.79
C THR C 173 -2.80 -19.06 48.37
N ALA C 174 -2.79 -20.30 47.94
CA ALA C 174 -3.98 -21.06 47.64
C ALA C 174 -3.72 -22.57 47.88
N LYS C 175 -4.79 -23.32 48.16
CA LYS C 175 -4.74 -24.78 48.14
C LYS C 175 -6.08 -25.25 47.65
N VAL C 176 -6.07 -25.97 46.51
CA VAL C 176 -7.30 -26.59 45.96
C VAL C 176 -7.24 -28.13 46.14
N GLU C 177 -8.26 -28.71 46.78
CA GLU C 177 -8.40 -30.17 46.80
C GLU C 177 -9.27 -30.66 45.63
N LEU C 178 -8.72 -31.59 44.83
CA LEU C 178 -9.47 -32.27 43.75
C LEU C 178 -9.62 -33.75 44.08
N SER C 179 -10.84 -34.24 44.10
CA SER C 179 -11.12 -35.65 44.40
C SER C 179 -12.48 -36.06 43.87
N THR C 180 -12.62 -37.39 43.66
CA THR C 180 -13.86 -38.02 43.17
C THR C 180 -14.99 -37.75 44.12
N ASP C 181 -14.66 -37.73 45.39
CA ASP C 181 -15.59 -37.42 46.46
C ASP C 181 -16.22 -36.08 46.32
N ASN C 182 -15.50 -35.09 45.81
CA ASN C 182 -16.12 -33.79 45.50
C ASN C 182 -16.44 -33.66 44.01
N GLY C 183 -16.85 -32.47 43.56
CA GLY C 183 -17.30 -32.35 42.17
C GLY C 183 -16.25 -32.61 41.08
N THR C 184 -14.97 -32.57 41.47
CA THR C 184 -13.88 -32.19 40.53
C THR C 184 -13.02 -33.26 39.79
N LEU C 185 -12.88 -34.49 40.37
CA LEU C 185 -12.12 -35.54 39.65
C LEU C 185 -13.01 -36.68 39.15
N LEU C 186 -12.66 -37.25 37.99
CA LEU C 186 -13.41 -38.38 37.39
C LEU C 186 -12.93 -39.73 37.92
N GLU C 187 -11.64 -39.98 37.76
CA GLU C 187 -10.99 -41.19 38.26
C GLU C 187 -9.64 -40.72 38.80
N ALA C 188 -9.10 -41.43 39.85
CA ALA C 188 -7.74 -41.20 40.28
C ALA C 188 -7.28 -42.40 41.09
N SER C 189 -6.01 -42.85 40.82
CA SER C 189 -5.32 -43.80 41.67
C SER C 189 -3.82 -43.74 41.64
N GLY C 190 -3.12 -44.19 42.82
CA GLY C 190 -1.76 -44.39 42.86
C GLY C 190 -1.09 -44.20 44.18
N ALA C 191 0.31 -44.03 44.08
CA ALA C 191 1.02 -43.66 45.30
C ALA C 191 0.75 -42.13 45.77
N ASP C 192 1.08 -41.84 47.12
CA ASP C 192 1.16 -40.46 47.72
C ASP C 192 2.48 -39.93 47.20
N VAL C 193 2.40 -38.93 46.30
CA VAL C 193 3.57 -38.44 45.54
C VAL C 193 3.49 -36.92 45.43
N SER C 194 4.64 -36.28 45.45
CA SER C 194 4.69 -34.83 45.46
C SER C 194 5.76 -34.33 44.52
N SER C 195 5.38 -33.31 43.74
CA SER C 195 6.31 -32.62 42.86
C SER C 195 5.90 -31.17 42.61
N SER C 196 6.84 -30.35 42.12
CA SER C 196 6.43 -29.01 41.73
C SER C 196 6.85 -28.62 40.29
N TYR C 197 6.03 -27.76 39.69
CA TYR C 197 6.16 -27.37 38.27
C TYR C 197 6.09 -25.83 38.12
N GLY C 198 6.76 -25.30 37.11
CA GLY C 198 6.65 -23.91 36.71
C GLY C 198 5.20 -23.59 36.30
N MET C 199 4.58 -22.66 37.03
CA MET C 199 3.18 -22.30 36.82
C MET C 199 2.89 -21.74 35.43
N GLU C 200 3.81 -20.97 34.85
CA GLU C 200 3.53 -20.33 33.56
C GLU C 200 3.31 -21.39 32.47
N TYR C 201 4.14 -22.44 32.49
CA TYR C 201 3.99 -23.55 31.54
C TYR C 201 2.64 -24.24 31.66
N VAL C 202 2.27 -24.58 32.90
CA VAL C 202 0.97 -25.19 33.11
C VAL C 202 -0.17 -24.24 32.75
N ALA C 203 -0.10 -22.98 33.22
CA ALA C 203 -1.09 -21.96 32.87
C ALA C 203 -1.32 -21.77 31.37
N ASN C 204 -0.26 -21.88 30.56
CA ASN C 204 -0.37 -21.79 29.09
C ASN C 204 -1.36 -22.81 28.49
N THR C 205 -1.49 -23.98 29.12
CA THR C 205 -2.24 -25.07 28.48
C THR C 205 -3.74 -24.92 28.73
N THR C 206 -4.16 -23.98 29.57
CA THR C 206 -5.60 -23.85 29.84
C THR C 206 -6.37 -23.44 28.62
N LYS C 207 -5.71 -22.89 27.60
CA LYS C 207 -6.36 -22.66 26.30
C LYS C 207 -6.91 -23.96 25.69
N MET C 208 -6.36 -25.11 26.07
CA MET C 208 -6.78 -26.40 25.52
C MET C 208 -8.25 -26.74 25.84
N ARG C 209 -8.82 -26.04 26.82
CA ARG C 209 -10.27 -26.12 27.07
C ARG C 209 -11.15 -25.83 25.85
N ARG C 210 -10.68 -25.02 24.90
CA ARG C 210 -11.43 -24.75 23.64
C ARG C 210 -11.33 -25.87 22.56
N ALA C 211 -10.57 -26.94 22.85
CA ALA C 211 -10.48 -28.10 21.95
C ALA C 211 -10.78 -29.46 22.60
N SER C 212 -10.99 -29.49 23.91
CA SER C 212 -10.89 -30.73 24.70
C SER C 212 -11.91 -30.71 25.82
N ASP C 213 -12.70 -31.78 25.94
CA ASP C 213 -13.62 -31.94 27.07
C ASP C 213 -13.05 -32.64 28.29
N SER C 214 -12.24 -33.68 28.10
CA SER C 214 -11.61 -34.35 29.25
C SER C 214 -10.10 -34.49 29.07
N MET C 215 -9.41 -34.79 30.16
CA MET C 215 -7.98 -34.85 30.14
C MET C 215 -7.45 -35.89 31.11
N GLU C 216 -6.17 -36.25 30.91
CA GLU C 216 -5.45 -37.07 31.85
C GLU C 216 -4.28 -36.29 32.44
N LEU C 217 -4.17 -36.34 33.76
CA LEU C 217 -3.04 -35.77 34.46
C LEU C 217 -2.21 -36.90 35.03
N TYR C 218 -0.91 -36.89 34.74
CA TYR C 218 -0.02 -37.87 35.33
C TYR C 218 1.15 -37.15 35.96
N PHE C 219 1.60 -37.65 37.10
CA PHE C 219 2.83 -37.14 37.72
C PHE C 219 3.37 -38.11 38.76
N GLY C 220 4.53 -37.79 39.32
CA GLY C 220 5.14 -38.53 40.42
C GLY C 220 6.27 -37.66 40.91
N SER C 221 7.05 -38.18 41.86
CA SER C 221 8.15 -37.39 42.43
C SER C 221 9.33 -37.27 41.46
N GLN C 222 9.81 -36.03 41.31
CA GLN C 222 10.98 -35.73 40.46
C GLN C 222 10.88 -36.40 39.08
N ILE C 223 9.63 -36.54 38.61
CA ILE C 223 9.32 -36.91 37.21
C ILE C 223 8.37 -35.88 36.52
N PRO C 224 8.32 -35.88 35.18
CA PRO C 224 7.40 -34.94 34.50
C PRO C 224 5.91 -34.99 34.89
N LEU C 225 5.25 -33.85 34.77
CA LEU C 225 3.81 -33.73 34.73
C LEU C 225 3.43 -33.91 33.26
N LYS C 226 2.66 -34.95 32.98
CA LYS C 226 2.04 -35.13 31.69
C LYS C 226 0.58 -34.69 31.78
N LEU C 227 0.20 -33.79 30.86
CA LEU C 227 -1.20 -33.40 30.65
C LEU C 227 -1.59 -33.91 29.24
N ARG C 228 -2.45 -34.92 29.19
CA ARG C 228 -3.08 -35.30 27.92
C ARG C 228 -4.49 -34.68 27.81
N PHE C 229 -4.62 -33.73 26.91
CA PHE C 229 -5.92 -33.20 26.60
C PHE C 229 -6.50 -34.05 25.51
N LYS C 230 -7.54 -34.81 25.86
CA LYS C 230 -8.20 -35.67 24.87
C LYS C 230 -9.06 -34.84 23.91
N LEU C 231 -8.84 -35.04 22.62
CA LEU C 231 -9.57 -34.33 21.56
C LEU C 231 -10.62 -35.27 20.95
N PRO C 232 -11.57 -34.75 20.14
CA PRO C 232 -12.51 -35.64 19.41
C PRO C 232 -11.80 -36.78 18.70
N GLN C 233 -12.51 -37.91 18.54
CA GLN C 233 -11.98 -39.10 17.89
C GLN C 233 -10.80 -39.64 18.69
N GLU C 234 -9.75 -40.11 18.00
CA GLU C 234 -8.55 -40.61 18.68
C GLU C 234 -7.51 -39.51 19.01
N GLY C 235 -7.90 -38.24 18.89
CA GLY C 235 -6.94 -37.12 19.01
C GLY C 235 -6.52 -36.74 20.43
N TYR C 236 -5.33 -36.13 20.54
CA TYR C 236 -4.80 -35.67 21.83
C TYR C 236 -3.82 -34.55 21.64
N GLY C 237 -3.69 -33.72 22.67
CA GLY C 237 -2.60 -32.76 22.80
C GLY C 237 -1.88 -33.12 24.07
N ASP C 238 -0.70 -33.68 23.97
CA ASP C 238 0.07 -34.03 25.17
C ASP C 238 1.08 -32.92 25.49
N PHE C 239 1.20 -32.59 26.77
CA PHE C 239 2.24 -31.71 27.22
C PHE C 239 2.94 -32.37 28.39
N TYR C 240 4.26 -32.51 28.30
CA TYR C 240 5.08 -33.05 29.38
C TYR C 240 5.91 -31.92 29.95
N ILE C 241 5.80 -31.71 31.26
CA ILE C 241 6.43 -30.55 31.90
C ILE C 241 7.40 -31.04 32.95
N ALA C 242 8.70 -30.81 32.75
CA ALA C 242 9.75 -31.29 33.68
C ALA C 242 9.52 -30.77 35.12
N PRO C 243 9.85 -31.60 36.15
CA PRO C 243 9.66 -31.15 37.55
C PRO C 243 10.69 -30.12 37.90
N ARG C 244 10.37 -29.21 38.81
CA ARG C 244 11.39 -28.30 39.32
C ARG C 244 12.52 -29.07 40.02
N ALA C 245 13.76 -28.58 39.89
CA ALA C 245 14.99 -29.25 40.36
C ALA C 245 14.95 -29.76 41.81
#